data_3VBI
#
_entry.id   3VBI
#
_cell.length_a   71.115
_cell.length_b   71.115
_cell.length_c   138.179
_cell.angle_alpha   90.00
_cell.angle_beta   90.00
_cell.angle_gamma   90.00
#
_symmetry.space_group_name_H-M   'P 41'
#
loop_
_entity.id
_entity.type
_entity.pdbx_description
1 polymer 'Galactoside O-acetyltransferase'
2 non-polymer 'COENZYME A'
3 non-polymer dTDP-4-amino-4,6-dideoxyglucose
4 non-polymer 'BICARBONATE ION'
5 non-polymer 'CHLORIDE ION'
6 water water
#
_entity_poly.entity_id   1
_entity_poly.type   'polypeptide(L)'
_entity_poly.pdbx_seq_one_letter_code
;MGSHHHHHHENLYFQGHMNSFYSQEELKKIGFLSVGKNVLISKKASIYNPGVISIGNNVRIDDFCILSGKVTIGSYSHIA
AYTALYGGEVGIEMYDFANISSRTIVYAAIDDFSGNALMGPTIPNQYKNVKTGKVILKKHVIIGAHSIIFPNVVIGEGVA
VGAMSMVKESLDDWYIYVGVPVRKIKARKRKIVELENEFLKSMNS
;
_entity_poly.pdbx_strand_id   A,C,E
#
loop_
_chem_comp.id
_chem_comp.type
_chem_comp.name
_chem_comp.formula
0FX non-polymer dTDP-4-amino-4,6-dideoxyglucose 'C16 H27 N3 O14 P2'
BCT non-polymer 'BICARBONATE ION' 'C H O3 -1'
CL non-polymer 'CHLORIDE ION' 'Cl -1'
COA non-polymer 'COENZYME A' 'C21 H36 N7 O16 P3 S'
#
# COMPACT_ATOMS: atom_id res chain seq x y z
N MET A 18 -0.10 -22.62 0.50
CA MET A 18 -0.97 -22.80 1.71
C MET A 18 -2.21 -21.89 1.73
N ASN A 19 -2.66 -21.53 2.93
CA ASN A 19 -3.58 -20.42 3.15
C ASN A 19 -3.47 -19.94 4.59
N SER A 20 -3.95 -18.74 4.86
CA SER A 20 -3.63 -18.15 6.16
C SER A 20 -4.89 -18.01 7.00
N PHE A 21 -6.00 -18.63 6.61
CA PHE A 21 -7.28 -18.37 7.29
C PHE A 21 -7.48 -19.02 8.65
N TYR A 22 -8.14 -18.30 9.55
CA TYR A 22 -8.74 -18.85 10.76
C TYR A 22 -9.62 -20.03 10.39
N SER A 23 -9.65 -21.06 11.24
CA SER A 23 -10.70 -22.08 11.10
C SER A 23 -12.01 -21.54 11.68
N GLN A 24 -13.12 -22.16 11.28
CA GLN A 24 -14.42 -21.72 11.81
C GLN A 24 -14.43 -21.65 13.33
N GLU A 25 -13.56 -22.46 13.92
CA GLU A 25 -13.41 -22.51 15.37
C GLU A 25 -12.73 -21.28 15.96
N GLU A 26 -11.61 -20.80 15.41
CA GLU A 26 -10.98 -19.58 15.97
C GLU A 26 -11.85 -18.36 15.77
N LEU A 27 -12.63 -18.39 14.70
CA LEU A 27 -13.41 -17.24 14.24
C LEU A 27 -14.40 -16.90 15.33
N LYS A 28 -15.04 -17.96 15.82
CA LYS A 28 -15.97 -17.90 16.97
C LYS A 28 -15.39 -17.26 18.23
N LYS A 29 -14.07 -17.31 18.38
CA LYS A 29 -13.41 -16.73 19.56
C LYS A 29 -13.03 -15.27 19.37
N ILE A 30 -13.14 -14.73 18.16
CA ILE A 30 -12.73 -13.36 17.93
C ILE A 30 -13.67 -12.39 18.67
N GLY A 31 -14.93 -12.79 18.78
CA GLY A 31 -15.93 -11.93 19.42
C GLY A 31 -16.59 -10.88 18.53
N PHE A 32 -16.88 -11.26 17.30
CA PHE A 32 -17.59 -10.44 16.30
C PHE A 32 -19.03 -10.22 16.71
N LEU A 33 -19.56 -9.02 16.46
CA LEU A 33 -20.99 -8.74 16.57
C LEU A 33 -21.81 -9.83 15.91
N SER A 34 -21.33 -10.32 14.78
CA SER A 34 -21.99 -11.38 14.04
C SER A 34 -21.07 -11.84 12.93
N VAL A 35 -20.96 -13.16 12.74
CA VAL A 35 -20.19 -13.70 11.62
C VAL A 35 -20.90 -14.89 10.99
N GLY A 36 -21.22 -14.82 9.70
CA GLY A 36 -21.90 -15.90 9.02
C GLY A 36 -21.09 -17.14 8.70
N LYS A 37 -21.53 -17.88 7.69
CA LYS A 37 -20.80 -19.07 7.29
C LYS A 37 -19.91 -18.88 6.08
N ASN A 38 -18.96 -19.79 5.92
CA ASN A 38 -18.00 -19.73 4.82
C ASN A 38 -17.26 -18.38 4.88
N VAL A 39 -16.88 -17.93 6.07
CA VAL A 39 -16.07 -16.75 6.28
C VAL A 39 -14.61 -17.10 6.42
N LEU A 40 -13.78 -16.60 5.49
CA LEU A 40 -12.36 -16.90 5.51
C LEU A 40 -11.68 -15.58 5.83
N ILE A 41 -11.11 -15.48 7.03
CA ILE A 41 -10.36 -14.31 7.40
C ILE A 41 -8.89 -14.67 7.63
N SER A 42 -7.99 -13.96 6.95
CA SER A 42 -6.58 -14.06 7.29
C SER A 42 -6.14 -13.80 8.73
N LYS A 43 -5.25 -14.66 9.21
CA LYS A 43 -4.61 -14.47 10.50
C LYS A 43 -3.59 -13.35 10.43
N LYS A 44 -3.25 -12.91 9.22
CA LYS A 44 -2.34 -11.78 9.02
C LYS A 44 -3.06 -10.43 8.87
N ALA A 45 -4.39 -10.45 8.97
CA ALA A 45 -5.19 -9.23 8.99
C ALA A 45 -5.22 -8.77 10.45
N SER A 46 -5.52 -7.49 10.68
CA SER A 46 -5.75 -6.96 12.02
C SER A 46 -7.23 -6.64 12.25
N ILE A 47 -7.73 -6.97 13.43
CA ILE A 47 -9.14 -6.78 13.77
C ILE A 47 -9.24 -6.05 15.11
N TYR A 48 -9.68 -4.80 15.13
CA TYR A 48 -9.79 -4.07 16.39
C TYR A 48 -11.25 -3.73 16.65
N ASN A 49 -11.70 -3.95 17.88
CA ASN A 49 -13.07 -3.62 18.30
C ASN A 49 -14.02 -4.56 17.56
N PRO A 50 -13.71 -5.86 17.62
CA PRO A 50 -14.49 -6.76 16.79
C PRO A 50 -15.95 -6.84 17.22
N GLY A 51 -16.27 -6.38 18.43
CA GLY A 51 -17.66 -6.46 18.90
C GLY A 51 -18.56 -5.45 18.20
N VAL A 52 -17.97 -4.58 17.40
CA VAL A 52 -18.76 -3.73 16.48
C VAL A 52 -18.65 -4.12 14.99
N ILE A 53 -18.09 -5.30 14.73
CA ILE A 53 -17.91 -5.76 13.36
C ILE A 53 -18.81 -6.94 13.06
N SER A 54 -19.54 -6.82 11.95
CA SER A 54 -20.52 -7.81 11.52
CA SER A 54 -20.51 -7.80 11.53
C SER A 54 -20.22 -8.19 10.08
N ILE A 55 -20.18 -9.51 9.87
CA ILE A 55 -19.80 -10.09 8.61
C ILE A 55 -20.87 -11.12 8.26
N GLY A 56 -21.46 -11.03 7.07
CA GLY A 56 -22.44 -12.02 6.64
C GLY A 56 -21.82 -13.33 6.20
N ASN A 57 -22.32 -13.89 5.10
CA ASN A 57 -21.89 -15.19 4.61
C ASN A 57 -20.97 -15.10 3.40
N ASN A 58 -20.03 -16.03 3.24
CA ASN A 58 -19.22 -16.10 2.04
C ASN A 58 -18.46 -14.77 1.85
N VAL A 59 -17.62 -14.50 2.83
CA VAL A 59 -16.74 -13.34 2.87
C VAL A 59 -15.28 -13.82 2.96
N ARG A 60 -14.37 -13.13 2.27
CA ARG A 60 -12.94 -13.39 2.40
C ARG A 60 -12.23 -12.06 2.61
N ILE A 61 -11.39 -12.05 3.66
CA ILE A 61 -10.56 -10.93 4.06
C ILE A 61 -9.11 -11.41 4.14
N ASP A 62 -8.24 -10.76 3.38
CA ASP A 62 -6.89 -11.28 3.09
C ASP A 62 -5.79 -10.73 3.97
N ASP A 63 -4.55 -11.17 3.72
CA ASP A 63 -3.45 -10.76 4.58
C ASP A 63 -3.31 -9.24 4.65
N PHE A 64 -2.89 -8.76 5.81
CA PHE A 64 -2.50 -7.39 5.96
C PHE A 64 -3.67 -6.41 5.85
N CYS A 65 -4.91 -6.89 5.75
CA CYS A 65 -6.03 -5.96 5.89
C CYS A 65 -6.12 -5.51 7.34
N ILE A 66 -6.73 -4.35 7.53
CA ILE A 66 -7.05 -3.88 8.86
C ILE A 66 -8.56 -3.61 8.84
N LEU A 67 -9.33 -4.22 9.75
CA LEU A 67 -10.65 -3.67 10.09
C LEU A 67 -10.68 -3.09 11.49
N SER A 68 -11.07 -1.82 11.64
CA SER A 68 -11.01 -1.19 12.96
C SER A 68 -12.28 -0.43 13.24
N GLY A 69 -12.99 -0.80 14.31
CA GLY A 69 -14.16 -0.02 14.70
C GLY A 69 -15.32 -0.51 13.87
N LYS A 70 -16.35 0.30 13.69
CA LYS A 70 -17.65 -0.17 13.20
C LYS A 70 -17.61 -0.52 11.70
N VAL A 71 -17.71 -1.80 11.38
CA VAL A 71 -17.67 -2.27 10.00
C VAL A 71 -18.74 -3.32 9.86
N THR A 72 -19.58 -3.21 8.83
CA THR A 72 -20.63 -4.17 8.52
C THR A 72 -20.46 -4.59 7.07
N ILE A 73 -20.19 -5.88 6.87
CA ILE A 73 -20.07 -6.52 5.58
C ILE A 73 -21.19 -7.54 5.44
N GLY A 74 -21.84 -7.58 4.28
CA GLY A 74 -22.88 -8.56 4.00
C GLY A 74 -22.30 -9.86 3.49
N SER A 75 -22.85 -10.34 2.39
CA SER A 75 -22.40 -11.60 1.82
C SER A 75 -21.90 -11.47 0.39
N TYR A 76 -21.08 -12.44 0.00
CA TYR A 76 -20.39 -12.56 -1.28
C TYR A 76 -19.51 -11.34 -1.52
N SER A 77 -18.62 -11.11 -0.56
CA SER A 77 -17.67 -10.01 -0.61
C SER A 77 -16.24 -10.46 -0.36
N HIS A 78 -15.34 -9.93 -1.17
CA HIS A 78 -13.93 -10.05 -0.96
C HIS A 78 -13.35 -8.69 -0.58
N ILE A 79 -12.62 -8.67 0.52
CA ILE A 79 -11.76 -7.56 0.93
C ILE A 79 -10.33 -8.02 0.67
N ALA A 80 -9.73 -7.54 -0.41
CA ALA A 80 -8.44 -8.10 -0.84
C ALA A 80 -7.31 -7.54 0.03
N ALA A 81 -6.10 -8.07 -0.13
CA ALA A 81 -5.01 -7.80 0.80
C ALA A 81 -4.65 -6.32 0.93
N TYR A 82 -4.12 -5.97 2.10
CA TYR A 82 -3.68 -4.63 2.46
C TYR A 82 -4.77 -3.61 2.67
N THR A 83 -6.05 -3.98 2.56
CA THR A 83 -7.10 -2.97 2.54
C THR A 83 -7.44 -2.60 3.98
N ALA A 84 -7.55 -1.32 4.26
CA ALA A 84 -7.82 -0.80 5.60
C ALA A 84 -9.26 -0.22 5.59
N LEU A 85 -10.10 -0.61 6.54
CA LEU A 85 -11.45 -0.09 6.71
C LEU A 85 -11.48 0.60 8.06
N TYR A 86 -11.44 1.93 8.12
CA TYR A 86 -11.34 2.63 9.42
C TYR A 86 -12.77 3.06 9.71
N GLY A 87 -13.54 2.22 10.41
CA GLY A 87 -14.97 2.43 10.59
C GLY A 87 -15.29 3.39 11.70
N GLY A 88 -14.35 3.58 12.62
CA GLY A 88 -14.58 4.56 13.69
C GLY A 88 -15.86 4.22 14.43
N GLU A 89 -16.62 5.24 14.81
CA GLU A 89 -17.86 4.98 15.52
C GLU A 89 -19.06 5.02 14.57
N VAL A 90 -19.01 5.88 13.56
CA VAL A 90 -20.13 5.92 12.60
C VAL A 90 -20.23 4.73 11.64
N GLY A 91 -19.09 4.16 11.23
CA GLY A 91 -19.19 2.97 10.42
C GLY A 91 -19.03 2.99 8.92
N ILE A 92 -18.66 1.81 8.45
CA ILE A 92 -18.54 1.55 7.03
C ILE A 92 -19.46 0.34 6.89
N GLU A 93 -20.33 0.44 5.90
CA GLU A 93 -21.13 -0.70 5.55
C GLU A 93 -21.04 -1.06 4.08
N MET A 94 -20.85 -2.35 3.82
CA MET A 94 -20.93 -2.87 2.46
C MET A 94 -22.18 -3.77 2.30
N TYR A 95 -22.89 -3.62 1.19
CA TYR A 95 -24.05 -4.46 0.89
C TYR A 95 -23.59 -5.70 0.15
N ASP A 96 -24.47 -6.69 0.04
CA ASP A 96 -24.17 -7.87 -0.75
C ASP A 96 -23.52 -7.69 -2.11
N PHE A 97 -22.59 -8.58 -2.40
CA PHE A 97 -21.85 -8.61 -3.65
C PHE A 97 -20.95 -7.40 -3.92
N ALA A 98 -20.77 -6.51 -2.95
CA ALA A 98 -19.65 -5.53 -2.99
C ALA A 98 -18.26 -6.15 -2.79
N ASN A 99 -17.21 -5.64 -3.45
CA ASN A 99 -15.89 -6.22 -3.31
C ASN A 99 -14.92 -5.04 -3.35
N ILE A 100 -13.82 -5.19 -2.61
CA ILE A 100 -12.84 -4.13 -2.50
C ILE A 100 -11.50 -4.73 -2.86
N SER A 101 -10.84 -4.10 -3.83
CA SER A 101 -9.56 -4.65 -4.32
C SER A 101 -8.43 -4.21 -3.39
N SER A 102 -7.25 -4.75 -3.69
CA SER A 102 -6.07 -4.67 -2.84
C SER A 102 -5.61 -3.24 -2.57
N ARG A 103 -5.14 -3.01 -1.34
CA ARG A 103 -4.54 -1.76 -0.90
C ARG A 103 -5.54 -0.61 -0.97
N THR A 104 -6.81 -0.85 -0.71
CA THR A 104 -7.77 0.26 -0.70
C THR A 104 -7.89 0.75 0.72
N ILE A 105 -8.21 2.03 0.89
CA ILE A 105 -8.54 2.53 2.20
C ILE A 105 -9.96 3.11 2.17
N VAL A 106 -10.72 2.83 3.21
CA VAL A 106 -12.04 3.45 3.32
C VAL A 106 -12.00 4.11 4.70
N TYR A 107 -12.19 5.44 4.82
CA TYR A 107 -12.18 6.14 6.09
C TYR A 107 -13.62 6.54 6.39
N ALA A 108 -14.10 6.32 7.61
CA ALA A 108 -15.34 6.96 8.03
C ALA A 108 -15.06 8.20 8.84
N ALA A 109 -13.81 8.48 9.19
CA ALA A 109 -13.50 9.77 9.79
C ALA A 109 -12.17 10.23 9.18
N ILE A 110 -12.03 11.54 8.95
CA ILE A 110 -10.72 12.10 8.66
C ILE A 110 -10.44 13.44 9.34
N ASP A 111 -9.16 13.68 9.55
CA ASP A 111 -8.75 14.99 10.08
C ASP A 111 -8.94 16.13 9.08
N ASP A 112 -9.04 17.34 9.62
CA ASP A 112 -9.13 18.56 8.84
C ASP A 112 -7.73 18.93 8.35
N PHE A 113 -7.48 18.89 7.04
CA PHE A 113 -6.20 19.21 6.38
C PHE A 113 -5.96 20.70 6.13
N SER A 114 -6.94 21.55 6.42
CA SER A 114 -6.96 22.93 5.92
C SER A 114 -5.96 23.84 6.61
N GLY A 115 -5.59 23.48 7.83
CA GLY A 115 -4.76 24.36 8.65
C GLY A 115 -5.57 24.99 9.78
N ASN A 116 -6.88 24.71 9.83
CA ASN A 116 -7.80 25.26 10.80
C ASN A 116 -7.85 24.41 12.07
N ALA A 117 -7.11 23.29 12.11
CA ALA A 117 -7.14 22.45 13.29
C ALA A 117 -5.86 21.64 13.54
N LEU A 118 -5.59 21.17 14.74
CA LEU A 118 -4.52 20.18 14.92
C LEU A 118 -5.06 18.84 14.43
N MET A 119 -4.22 17.80 14.46
CA MET A 119 -4.47 16.60 13.65
C MET A 119 -3.99 15.30 14.29
N GLY A 120 -4.81 14.26 14.23
CA GLY A 120 -4.34 12.91 14.52
C GLY A 120 -4.58 12.42 15.92
N PRO A 121 -4.38 11.12 16.15
CA PRO A 121 -4.68 10.45 17.41
C PRO A 121 -3.81 10.94 18.60
N THR A 122 -2.71 11.64 18.34
CA THR A 122 -1.85 12.14 19.42
C THR A 122 -2.39 13.43 20.01
N ILE A 123 -3.44 14.00 19.43
CA ILE A 123 -3.92 15.32 19.85
C ILE A 123 -5.35 15.13 20.35
N PRO A 124 -5.72 15.83 21.44
CA PRO A 124 -7.10 15.60 21.84
C PRO A 124 -8.17 16.33 21.02
N ASN A 125 -9.38 15.76 20.97
CA ASN A 125 -10.44 16.18 20.05
C ASN A 125 -10.80 17.65 19.99
N GLN A 126 -10.68 18.35 21.10
CA GLN A 126 -11.17 19.74 21.19
C GLN A 126 -10.35 20.71 20.35
N TYR A 127 -9.13 20.28 20.03
CA TYR A 127 -8.22 20.99 19.11
C TYR A 127 -8.27 20.50 17.67
N LYS A 128 -9.02 19.42 17.43
CA LYS A 128 -9.12 18.87 16.09
C LYS A 128 -10.45 19.28 15.47
N ASN A 129 -10.72 18.81 14.26
CA ASN A 129 -11.94 19.12 13.55
C ASN A 129 -12.15 17.89 12.67
N VAL A 130 -12.34 16.75 13.32
CA VAL A 130 -12.53 15.52 12.59
C VAL A 130 -13.82 15.52 11.78
N LYS A 131 -13.72 15.22 10.49
CA LYS A 131 -14.90 15.09 9.63
C LYS A 131 -15.32 13.62 9.66
N THR A 132 -16.54 13.35 10.12
CA THR A 132 -17.00 11.95 10.21
C THR A 132 -18.32 11.75 9.44
N GLY A 133 -18.57 10.55 8.92
CA GLY A 133 -19.89 10.23 8.37
C GLY A 133 -19.87 8.80 7.88
N LYS A 134 -20.98 8.07 8.05
CA LYS A 134 -21.17 6.69 7.60
C LYS A 134 -20.70 6.53 6.16
N VAL A 135 -19.90 5.51 5.80
CA VAL A 135 -19.70 5.19 4.39
C VAL A 135 -20.47 3.94 4.02
N ILE A 136 -21.08 3.93 2.83
CA ILE A 136 -21.83 2.79 2.38
C ILE A 136 -21.41 2.42 0.96
N LEU A 137 -21.15 1.13 0.76
CA LEU A 137 -20.94 0.65 -0.58
C LEU A 137 -22.15 -0.21 -0.84
N LYS A 138 -22.97 0.23 -1.78
CA LYS A 138 -24.17 -0.51 -2.19
C LYS A 138 -23.90 -1.83 -2.91
N LYS A 139 -24.96 -2.57 -3.25
CA LYS A 139 -24.78 -3.89 -3.84
C LYS A 139 -24.03 -3.74 -5.15
N HIS A 140 -23.25 -4.76 -5.49
CA HIS A 140 -22.48 -4.79 -6.71
C HIS A 140 -21.40 -3.71 -6.90
N VAL A 141 -21.01 -2.97 -5.87
CA VAL A 141 -19.92 -1.99 -6.01
C VAL A 141 -18.62 -2.79 -6.15
N ILE A 142 -17.73 -2.39 -7.05
CA ILE A 142 -16.36 -2.89 -7.00
C ILE A 142 -15.46 -1.65 -6.79
N ILE A 143 -14.51 -1.77 -5.88
CA ILE A 143 -13.53 -0.70 -5.71
C ILE A 143 -12.20 -1.21 -6.23
N GLY A 144 -11.62 -0.47 -7.15
CA GLY A 144 -10.36 -0.85 -7.79
C GLY A 144 -9.22 -0.69 -6.81
N ALA A 145 -8.10 -1.34 -7.14
CA ALA A 145 -6.94 -1.42 -6.26
C ALA A 145 -6.32 -0.05 -6.01
N HIS A 146 -5.71 0.12 -4.84
CA HIS A 146 -4.95 1.32 -4.49
C HIS A 146 -5.85 2.57 -4.52
N SER A 147 -7.11 2.49 -4.10
CA SER A 147 -8.09 3.60 -4.15
C SER A 147 -8.47 4.07 -2.74
N ILE A 148 -8.92 5.32 -2.63
CA ILE A 148 -9.32 5.81 -1.31
C ILE A 148 -10.73 6.41 -1.32
N ILE A 149 -11.53 6.04 -0.32
CA ILE A 149 -12.90 6.49 -0.20
C ILE A 149 -12.94 7.27 1.10
N PHE A 150 -13.37 8.53 1.05
CA PHE A 150 -13.36 9.39 2.22
CA PHE A 150 -13.40 9.48 2.16
C PHE A 150 -14.74 9.32 2.91
N PRO A 151 -14.89 9.92 4.12
CA PRO A 151 -16.10 9.69 4.91
C PRO A 151 -17.37 10.29 4.25
N ASN A 152 -18.53 9.86 4.73
CA ASN A 152 -19.81 10.51 4.43
C ASN A 152 -20.22 10.37 2.97
N VAL A 153 -20.06 9.15 2.46
CA VAL A 153 -20.15 8.93 1.03
C VAL A 153 -20.93 7.64 0.92
N VAL A 154 -21.87 7.65 -0.01
CA VAL A 154 -22.47 6.43 -0.55
C VAL A 154 -21.90 6.13 -1.93
N ILE A 155 -21.25 4.98 -2.11
CA ILE A 155 -20.88 4.54 -3.45
C ILE A 155 -22.10 3.84 -4.02
N GLY A 156 -22.71 4.46 -5.02
CA GLY A 156 -23.94 3.91 -5.61
C GLY A 156 -24.03 2.46 -5.97
N GLU A 157 -25.26 1.95 -6.00
CA GLU A 157 -25.47 0.60 -6.50
C GLU A 157 -24.80 0.34 -7.85
N GLY A 158 -23.99 -0.72 -7.94
CA GLY A 158 -23.37 -1.11 -9.20
C GLY A 158 -22.25 -0.23 -9.70
N VAL A 159 -21.83 0.75 -8.89
CA VAL A 159 -20.67 1.54 -9.22
C VAL A 159 -19.36 0.74 -9.22
N ALA A 160 -18.51 0.99 -10.22
CA ALA A 160 -17.13 0.54 -10.25
C ALA A 160 -16.27 1.81 -10.11
N VAL A 161 -15.28 1.75 -9.22
CA VAL A 161 -14.32 2.83 -9.10
C VAL A 161 -13.01 2.19 -9.60
N GLY A 162 -12.28 2.84 -10.49
CA GLY A 162 -11.10 2.28 -11.17
C GLY A 162 -9.97 2.22 -10.15
N ALA A 163 -8.84 1.66 -10.57
CA ALA A 163 -7.70 1.63 -9.69
C ALA A 163 -7.22 3.06 -9.50
N MET A 164 -6.47 3.26 -8.42
CA MET A 164 -5.82 4.53 -8.13
C MET A 164 -6.72 5.73 -8.19
N SER A 165 -7.92 5.57 -7.65
CA SER A 165 -8.89 6.65 -7.71
CA SER A 165 -8.87 6.65 -7.73
C SER A 165 -9.24 7.16 -6.33
N MET A 166 -9.77 8.37 -6.27
CA MET A 166 -10.05 8.97 -4.97
C MET A 166 -11.46 9.52 -4.98
N VAL A 167 -12.25 9.13 -3.98
CA VAL A 167 -13.65 9.47 -3.91
C VAL A 167 -13.94 10.30 -2.66
N LYS A 168 -14.44 11.52 -2.85
CA LYS A 168 -14.70 12.42 -1.75
C LYS A 168 -16.20 12.74 -1.60
N GLU A 169 -17.02 12.29 -2.55
CA GLU A 169 -18.44 12.60 -2.61
C GLU A 169 -19.20 11.34 -2.95
N SER A 170 -20.49 11.28 -2.61
CA SER A 170 -21.34 10.20 -3.08
C SER A 170 -21.35 10.04 -4.60
N LEU A 171 -21.41 8.81 -5.10
CA LEU A 171 -21.36 8.49 -6.51
C LEU A 171 -22.69 7.96 -7.05
N ASP A 172 -23.18 8.51 -8.17
CA ASP A 172 -24.44 8.08 -8.80
C ASP A 172 -24.44 6.61 -9.17
N ASP A 173 -25.57 5.92 -9.02
CA ASP A 173 -25.67 4.49 -9.38
C ASP A 173 -25.21 4.15 -10.81
N TRP A 174 -24.67 2.96 -10.97
CA TRP A 174 -24.47 2.32 -12.27
C TRP A 174 -23.50 3.05 -13.21
N TYR A 175 -22.52 3.75 -12.65
CA TYR A 175 -21.46 4.33 -13.46
C TYR A 175 -20.06 3.81 -13.09
N ILE A 176 -19.10 3.96 -13.98
CA ILE A 176 -17.68 3.65 -13.75
C ILE A 176 -17.03 5.01 -13.60
N TYR A 177 -16.21 5.19 -12.56
CA TYR A 177 -15.53 6.45 -12.31
C TYR A 177 -14.02 6.21 -12.20
N VAL A 178 -13.21 7.23 -12.52
CA VAL A 178 -11.76 7.04 -12.46
C VAL A 178 -11.10 8.35 -12.08
N GLY A 179 -9.93 8.25 -11.45
CA GLY A 179 -9.09 9.43 -11.32
C GLY A 179 -9.06 10.01 -9.93
N VAL A 180 -8.29 11.09 -9.80
CA VAL A 180 -8.09 11.75 -8.50
C VAL A 180 -8.42 13.23 -8.56
N PRO A 181 -9.60 13.63 -8.07
CA PRO A 181 -10.72 12.79 -7.62
C PRO A 181 -11.47 12.23 -8.82
N VAL A 182 -12.43 11.34 -8.56
CA VAL A 182 -12.97 10.56 -9.66
C VAL A 182 -13.87 11.39 -10.56
N ARG A 183 -13.96 10.99 -11.82
CA ARG A 183 -14.98 11.49 -12.71
C ARG A 183 -15.63 10.31 -13.39
N LYS A 184 -16.85 10.60 -13.86
CA LYS A 184 -17.68 9.56 -14.43
C LYS A 184 -17.16 9.34 -15.85
N ILE A 185 -16.95 8.09 -16.25
CA ILE A 185 -16.45 7.86 -17.61
C ILE A 185 -17.36 7.05 -18.51
N LYS A 186 -18.25 6.20 -17.99
CA LYS A 186 -19.16 5.40 -18.82
C LYS A 186 -20.11 4.60 -17.92
N ALA A 187 -21.26 4.18 -18.47
CA ALA A 187 -22.21 3.45 -17.65
C ALA A 187 -21.55 2.12 -17.29
N ARG A 188 -21.86 1.61 -16.10
CA ARG A 188 -21.59 0.22 -15.73
C ARG A 188 -22.72 -0.59 -16.36
N LYS A 189 -22.37 -1.67 -17.03
CA LYS A 189 -23.38 -2.65 -17.44
C LYS A 189 -24.14 -3.36 -16.32
N ARG A 190 -25.39 -3.65 -16.61
CA ARG A 190 -26.29 -4.17 -15.59
C ARG A 190 -26.53 -5.67 -15.67
N LYS A 191 -25.84 -6.36 -16.59
CA LYS A 191 -25.92 -7.81 -16.69
C LYS A 191 -25.81 -8.53 -15.35
N ILE A 192 -25.09 -7.93 -14.39
CA ILE A 192 -24.73 -8.66 -13.17
C ILE A 192 -25.89 -8.91 -12.23
N VAL A 193 -26.89 -8.03 -12.34
CA VAL A 193 -28.21 -8.17 -11.72
C VAL A 193 -28.81 -9.52 -12.14
N GLU A 194 -28.86 -9.77 -13.45
CA GLU A 194 -29.30 -11.06 -13.99
C GLU A 194 -28.51 -12.22 -13.43
N LEU A 195 -27.18 -12.08 -13.47
CA LEU A 195 -26.27 -13.12 -13.00
C LEU A 195 -26.48 -13.33 -11.51
N GLU A 196 -26.76 -12.27 -10.77
CA GLU A 196 -27.03 -12.43 -9.35
C GLU A 196 -28.25 -13.34 -9.10
N ASN A 197 -29.32 -13.13 -9.86
CA ASN A 197 -30.52 -13.96 -9.77
C ASN A 197 -30.24 -15.39 -10.22
N GLU A 198 -29.58 -15.53 -11.37
CA GLU A 198 -29.23 -16.85 -11.89
C GLU A 198 -28.44 -17.62 -10.84
N PHE A 199 -27.40 -17.00 -10.30
CA PHE A 199 -26.53 -17.61 -9.28
C PHE A 199 -27.32 -18.00 -8.05
N LEU A 200 -28.14 -17.09 -7.56
CA LEU A 200 -28.87 -17.35 -6.32
C LEU A 200 -29.89 -18.48 -6.53
N LYS A 201 -30.57 -18.46 -7.68
CA LYS A 201 -31.47 -19.55 -8.08
C LYS A 201 -30.73 -20.88 -7.89
N SER A 202 -29.74 -21.11 -8.75
CA SER A 202 -28.71 -22.14 -8.63
C SER A 202 -28.61 -22.88 -7.29
N MET A 203 -28.80 -22.20 -6.17
CA MET A 203 -29.00 -22.86 -4.87
C MET A 203 -30.44 -22.85 -4.37
N MET B 18 19.13 -4.70 12.04
CA MET B 18 18.74 -6.13 11.92
C MET B 18 18.18 -6.47 10.53
N ASN B 19 17.58 -7.65 10.46
CA ASN B 19 16.86 -8.05 9.26
C ASN B 19 15.84 -9.14 9.62
N SER B 20 14.92 -9.45 8.70
CA SER B 20 13.85 -10.41 8.97
C SER B 20 13.95 -11.64 8.06
N PHE B 21 15.12 -11.91 7.49
CA PHE B 21 15.20 -12.92 6.45
C PHE B 21 15.27 -14.35 6.99
N TYR B 22 14.60 -15.30 6.32
CA TYR B 22 14.64 -16.74 6.63
C TYR B 22 16.09 -17.21 6.54
N SER B 23 16.43 -18.26 7.31
CA SER B 23 17.72 -18.99 7.23
C SER B 23 17.84 -19.71 5.91
N GLN B 24 19.06 -20.17 5.61
CA GLN B 24 19.14 -21.21 4.59
C GLN B 24 18.37 -22.44 5.02
N GLU B 25 18.44 -22.74 6.31
CA GLU B 25 17.73 -23.88 6.89
C GLU B 25 16.22 -23.70 6.80
N GLU B 26 15.75 -22.51 7.13
CA GLU B 26 14.31 -22.26 7.15
C GLU B 26 13.76 -22.33 5.72
N LEU B 27 14.56 -21.83 4.78
CA LEU B 27 14.23 -21.67 3.37
C LEU B 27 13.95 -23.00 2.68
N LYS B 28 14.80 -23.98 2.96
CA LYS B 28 14.63 -25.30 2.36
C LYS B 28 13.41 -26.02 2.94
N LYS B 29 12.99 -25.61 4.13
CA LYS B 29 11.70 -26.07 4.65
C LYS B 29 10.47 -25.48 3.94
N ILE B 30 10.62 -24.40 3.17
CA ILE B 30 9.46 -23.77 2.54
C ILE B 30 8.88 -24.71 1.48
N GLY B 31 9.75 -25.33 0.69
CA GLY B 31 9.30 -26.21 -0.36
C GLY B 31 9.16 -25.56 -1.72
N PHE B 32 10.11 -24.72 -2.13
CA PHE B 32 10.01 -24.05 -3.42
C PHE B 32 10.21 -25.05 -4.55
N LEU B 33 9.46 -24.93 -5.63
CA LEU B 33 9.83 -25.63 -6.85
C LEU B 33 11.34 -25.56 -7.00
N SER B 34 11.90 -24.40 -6.69
CA SER B 34 13.33 -24.18 -6.88
C SER B 34 13.75 -22.88 -6.22
N VAL B 35 14.87 -22.91 -5.50
CA VAL B 35 15.45 -21.74 -4.87
C VAL B 35 16.97 -21.77 -5.05
N GLY B 36 17.55 -20.61 -5.36
CA GLY B 36 18.98 -20.54 -5.64
C GLY B 36 19.77 -20.12 -4.43
N LYS B 37 20.96 -19.60 -4.71
CA LYS B 37 21.95 -19.17 -3.74
C LYS B 37 21.75 -17.69 -3.39
N ASN B 38 22.12 -17.31 -2.17
CA ASN B 38 21.98 -15.96 -1.64
C ASN B 38 20.59 -15.39 -1.91
N VAL B 39 19.58 -16.15 -1.48
CA VAL B 39 18.19 -15.72 -1.55
C VAL B 39 17.75 -15.21 -0.19
N LEU B 40 17.24 -13.98 -0.12
CA LEU B 40 16.91 -13.37 1.16
C LEU B 40 15.39 -13.08 1.14
N ILE B 41 14.63 -13.74 2.01
CA ILE B 41 13.17 -13.70 1.98
C ILE B 41 12.67 -13.37 3.38
N SER B 42 11.95 -12.27 3.51
CA SER B 42 11.32 -11.90 4.77
C SER B 42 10.37 -12.96 5.34
N LYS B 43 10.52 -13.28 6.63
CA LYS B 43 9.58 -14.11 7.39
C LYS B 43 8.19 -13.45 7.46
N LYS B 44 8.12 -12.17 7.06
CA LYS B 44 6.90 -11.37 7.06
C LYS B 44 6.24 -11.28 5.69
N ALA B 45 6.83 -11.91 4.67
CA ALA B 45 6.19 -12.12 3.39
C ALA B 45 5.18 -13.26 3.51
N SER B 46 4.21 -13.30 2.60
CA SER B 46 3.38 -14.49 2.55
C SER B 46 3.73 -15.21 1.26
N ILE B 47 3.98 -16.51 1.34
CA ILE B 47 4.28 -17.31 0.15
C ILE B 47 3.20 -18.37 0.12
N TYR B 48 2.39 -18.36 -0.94
CA TYR B 48 1.31 -19.35 -1.07
C TYR B 48 1.60 -20.20 -2.30
N ASN B 49 1.60 -21.52 -2.06
CA ASN B 49 1.89 -22.51 -3.07
C ASN B 49 3.34 -22.42 -3.58
N PRO B 50 4.30 -22.45 -2.65
CA PRO B 50 5.73 -22.37 -2.94
C PRO B 50 6.06 -23.45 -3.97
N GLY B 51 5.27 -24.52 -3.96
CA GLY B 51 5.35 -25.58 -4.96
C GLY B 51 5.46 -25.09 -6.40
N VAL B 52 5.01 -23.87 -6.70
CA VAL B 52 4.96 -23.43 -8.10
C VAL B 52 5.83 -22.18 -8.33
N ILE B 53 6.77 -21.96 -7.42
CA ILE B 53 7.59 -20.75 -7.34
C ILE B 53 9.06 -21.16 -7.43
N SER B 54 9.72 -20.63 -8.46
CA SER B 54 11.15 -20.77 -8.74
C SER B 54 11.77 -19.41 -8.57
N ILE B 55 12.89 -19.40 -7.86
CA ILE B 55 13.70 -18.21 -7.59
C ILE B 55 15.16 -18.54 -7.90
N GLY B 56 15.83 -17.67 -8.64
CA GLY B 56 17.22 -17.86 -9.04
C GLY B 56 18.16 -17.44 -7.93
N ASN B 57 19.31 -16.85 -8.26
CA ASN B 57 20.26 -16.39 -7.24
C ASN B 57 20.28 -14.89 -6.98
N ASN B 58 20.73 -14.51 -5.80
CA ASN B 58 20.81 -13.10 -5.40
C ASN B 58 19.47 -12.41 -5.63
N VAL B 59 18.52 -12.76 -4.77
CA VAL B 59 17.15 -12.27 -4.85
C VAL B 59 16.79 -11.89 -3.43
N ARG B 60 16.15 -10.73 -3.27
CA ARG B 60 15.68 -10.30 -1.95
C ARG B 60 14.18 -10.02 -2.11
N ILE B 61 13.37 -10.63 -1.25
CA ILE B 61 11.95 -10.38 -1.11
C ILE B 61 11.62 -9.82 0.28
N ASP B 62 11.05 -8.62 0.35
CA ASP B 62 10.94 -7.90 1.63
C ASP B 62 9.66 -8.12 2.45
N ASP B 63 9.55 -7.50 3.62
CA ASP B 63 8.36 -7.55 4.50
C ASP B 63 7.04 -7.31 3.75
N PHE B 64 6.03 -8.12 4.06
CA PHE B 64 4.66 -7.91 3.59
C PHE B 64 4.43 -8.12 2.09
N CYS B 65 5.44 -8.61 1.38
CA CYS B 65 5.22 -9.18 0.05
C CYS B 65 4.22 -10.32 0.13
N ILE B 66 3.54 -10.52 -0.98
CA ILE B 66 2.72 -11.71 -1.09
C ILE B 66 3.09 -12.26 -2.45
N LEU B 67 3.46 -13.55 -2.49
CA LEU B 67 3.68 -14.22 -3.76
C LEU B 67 2.68 -15.36 -3.69
N SER B 68 1.84 -15.44 -4.69
CA SER B 68 0.79 -16.45 -4.66
C SER B 68 0.58 -17.05 -6.03
N GLY B 69 0.55 -18.39 -6.13
CA GLY B 69 0.47 -19.01 -7.45
C GLY B 69 1.79 -18.97 -8.18
N LYS B 70 1.71 -19.10 -9.50
CA LYS B 70 2.87 -19.33 -10.34
C LYS B 70 3.74 -18.06 -10.57
N VAL B 71 4.99 -18.11 -10.08
CA VAL B 71 5.86 -16.95 -10.08
C VAL B 71 7.24 -17.53 -10.38
N THR B 72 7.92 -16.95 -11.35
CA THR B 72 9.30 -17.31 -11.63
C THR B 72 10.12 -16.04 -11.59
N ILE B 73 11.10 -16.03 -10.71
CA ILE B 73 12.06 -14.94 -10.61
C ILE B 73 13.44 -15.49 -10.95
N GLY B 74 14.20 -14.74 -11.74
CA GLY B 74 15.58 -15.11 -12.08
C GLY B 74 16.56 -14.58 -11.05
N SER B 75 17.64 -13.95 -11.49
CA SER B 75 18.70 -13.62 -10.54
C SER B 75 18.95 -12.13 -10.51
N TYR B 76 19.49 -11.63 -9.39
CA TYR B 76 19.73 -10.21 -9.15
C TYR B 76 18.44 -9.35 -9.18
N SER B 77 17.48 -9.70 -8.32
CA SER B 77 16.20 -9.02 -8.36
C SER B 77 15.79 -8.73 -6.92
N HIS B 78 15.28 -7.52 -6.72
CA HIS B 78 14.74 -7.07 -5.45
C HIS B 78 13.23 -6.95 -5.67
N ILE B 79 12.46 -7.66 -4.84
CA ILE B 79 11.01 -7.40 -4.74
C ILE B 79 10.84 -6.60 -3.45
N ALA B 80 10.65 -5.29 -3.52
CA ALA B 80 10.52 -4.47 -2.31
C ALA B 80 9.20 -4.70 -1.54
N ALA B 81 9.15 -4.16 -0.33
CA ALA B 81 8.13 -4.47 0.65
C ALA B 81 6.72 -4.17 0.10
N TYR B 82 5.76 -4.93 0.60
CA TYR B 82 4.32 -4.74 0.30
C TYR B 82 3.91 -5.19 -1.11
N THR B 83 4.85 -5.75 -1.87
CA THR B 83 4.60 -6.02 -3.28
C THR B 83 3.79 -7.30 -3.35
N ALA B 84 2.73 -7.29 -4.15
CA ALA B 84 1.99 -8.53 -4.30
C ALA B 84 2.21 -9.02 -5.69
N LEU B 85 2.57 -10.30 -5.87
CA LEU B 85 2.59 -10.92 -7.17
C LEU B 85 1.53 -12.04 -7.16
N TYR B 86 0.44 -11.88 -7.89
CA TYR B 86 -0.64 -12.86 -7.99
C TYR B 86 -0.46 -13.57 -9.32
N GLY B 87 0.27 -14.69 -9.27
CA GLY B 87 0.61 -15.44 -10.47
C GLY B 87 -0.51 -16.32 -11.00
N GLY B 88 -1.49 -16.69 -10.17
CA GLY B 88 -2.56 -17.60 -10.62
C GLY B 88 -2.03 -18.85 -11.31
N GLU B 89 -2.71 -19.28 -12.37
CA GLU B 89 -2.23 -20.48 -13.08
C GLU B 89 -1.21 -20.07 -14.14
N VAL B 90 -1.51 -19.01 -14.88
CA VAL B 90 -0.65 -18.66 -16.00
C VAL B 90 0.75 -18.23 -15.58
N GLY B 91 0.85 -17.55 -14.45
CA GLY B 91 2.15 -17.15 -13.95
C GLY B 91 2.62 -15.73 -14.29
N ILE B 92 3.64 -15.35 -13.53
CA ILE B 92 4.31 -14.09 -13.64
C ILE B 92 5.77 -14.55 -13.72
N GLU B 93 6.51 -13.94 -14.63
CA GLU B 93 7.91 -14.31 -14.77
C GLU B 93 8.72 -13.02 -14.82
N MET B 94 9.81 -12.97 -14.07
CA MET B 94 10.75 -11.86 -14.18
C MET B 94 12.10 -12.39 -14.65
N TYR B 95 12.70 -11.70 -15.61
CA TYR B 95 14.03 -12.11 -16.08
C TYR B 95 15.14 -11.47 -15.25
N ASP B 96 16.38 -11.87 -15.49
CA ASP B 96 17.44 -11.37 -14.62
C ASP B 96 17.55 -9.84 -14.60
N PHE B 97 18.04 -9.28 -13.50
CA PHE B 97 18.17 -7.85 -13.33
C PHE B 97 16.86 -7.06 -13.40
N ALA B 98 15.71 -7.72 -13.43
CA ALA B 98 14.44 -7.01 -13.13
C ALA B 98 14.26 -6.69 -11.63
N ASN B 99 13.67 -5.55 -11.29
CA ASN B 99 13.40 -5.16 -9.91
C ASN B 99 12.04 -4.51 -9.77
N ILE B 100 11.43 -4.67 -8.59
CA ILE B 100 10.10 -4.10 -8.37
C ILE B 100 10.09 -3.30 -7.11
N SER B 101 9.74 -2.01 -7.13
CA SER B 101 9.80 -1.19 -5.93
C SER B 101 8.55 -1.39 -5.06
N SER B 102 8.56 -0.79 -3.89
CA SER B 102 7.56 -1.11 -2.86
C SER B 102 6.11 -0.90 -3.26
N ARG B 103 5.22 -1.75 -2.74
CA ARG B 103 3.79 -1.56 -2.99
C ARG B 103 3.35 -1.73 -4.46
N THR B 104 4.07 -2.52 -5.23
CA THR B 104 3.59 -2.83 -6.56
C THR B 104 2.58 -3.99 -6.55
N ILE B 105 1.58 -3.97 -7.43
CA ILE B 105 0.83 -5.19 -7.64
C ILE B 105 0.99 -5.63 -9.07
N VAL B 106 1.22 -6.94 -9.25
CA VAL B 106 1.26 -7.55 -10.57
C VAL B 106 0.16 -8.61 -10.56
N TYR B 107 -0.83 -8.44 -11.42
CA TYR B 107 -1.94 -9.38 -11.54
C TYR B 107 -1.74 -10.22 -12.81
N ALA B 108 -1.70 -11.55 -12.72
CA ALA B 108 -1.82 -12.41 -13.91
C ALA B 108 -3.28 -12.81 -14.18
N ALA B 109 -4.18 -12.52 -13.24
CA ALA B 109 -5.59 -12.60 -13.56
C ALA B 109 -6.35 -11.43 -12.94
N ILE B 110 -7.44 -11.06 -13.59
CA ILE B 110 -8.18 -9.91 -13.13
C ILE B 110 -9.66 -10.12 -13.45
N ASP B 111 -10.56 -9.77 -12.55
CA ASP B 111 -11.99 -9.80 -12.85
C ASP B 111 -12.46 -8.73 -13.83
N ASP B 112 -13.66 -8.95 -14.39
CA ASP B 112 -14.20 -8.04 -15.41
C ASP B 112 -14.90 -6.87 -14.69
N PHE B 113 -14.41 -5.65 -14.84
CA PHE B 113 -15.03 -4.54 -14.10
C PHE B 113 -16.30 -3.98 -14.75
N SER B 114 -16.66 -4.50 -15.92
CA SER B 114 -17.55 -3.79 -16.84
C SER B 114 -18.99 -3.81 -16.41
N GLY B 115 -19.38 -4.80 -15.62
CA GLY B 115 -20.79 -4.97 -15.26
C GLY B 115 -21.38 -6.17 -16.00
N ASN B 116 -20.53 -6.84 -16.77
CA ASN B 116 -20.92 -8.01 -17.56
C ASN B 116 -20.76 -9.34 -16.84
N ALA B 117 -20.39 -9.31 -15.56
CA ALA B 117 -19.98 -10.52 -14.86
C ALA B 117 -19.90 -10.19 -13.38
N LEU B 118 -20.24 -11.20 -12.58
CA LEU B 118 -20.00 -11.18 -11.16
C LEU B 118 -18.47 -11.22 -10.93
N MET B 119 -18.07 -11.03 -9.68
CA MET B 119 -16.65 -10.76 -9.39
C MET B 119 -16.13 -11.42 -8.12
N GLY B 120 -14.89 -11.90 -8.22
CA GLY B 120 -14.05 -12.16 -7.06
C GLY B 120 -14.12 -13.61 -6.57
N PRO B 121 -13.33 -13.98 -5.56
CA PRO B 121 -13.19 -15.40 -5.21
C PRO B 121 -14.36 -15.97 -4.45
N THR B 122 -15.31 -15.16 -3.99
CA THR B 122 -16.52 -15.73 -3.39
C THR B 122 -17.47 -16.32 -4.45
N ILE B 123 -17.15 -16.23 -5.73
CA ILE B 123 -18.16 -16.49 -6.74
C ILE B 123 -17.65 -17.47 -7.78
N PRO B 124 -18.48 -18.47 -8.13
CA PRO B 124 -18.09 -19.53 -9.05
C PRO B 124 -17.71 -18.99 -10.43
N ASN B 125 -16.70 -19.60 -11.04
CA ASN B 125 -16.16 -19.11 -12.32
C ASN B 125 -17.15 -18.89 -13.44
N GLN B 126 -18.26 -19.63 -13.43
CA GLN B 126 -19.12 -19.59 -14.60
C GLN B 126 -20.00 -18.35 -14.57
N TYR B 127 -19.94 -17.63 -13.46
CA TYR B 127 -20.61 -16.34 -13.35
C TYR B 127 -19.65 -15.16 -13.57
N LYS B 128 -18.35 -15.44 -13.65
CA LYS B 128 -17.35 -14.38 -13.73
C LYS B 128 -16.83 -14.33 -15.15
N ASN B 129 -16.03 -13.31 -15.44
CA ASN B 129 -15.33 -13.25 -16.70
C ASN B 129 -13.86 -12.88 -16.45
N VAL B 130 -13.13 -13.73 -15.71
CA VAL B 130 -11.73 -13.45 -15.39
C VAL B 130 -10.84 -13.33 -16.64
N LYS B 131 -10.02 -12.29 -16.73
CA LYS B 131 -9.08 -12.14 -17.82
C LYS B 131 -7.78 -12.70 -17.25
N THR B 132 -7.11 -13.56 -18.02
CA THR B 132 -5.90 -14.19 -17.53
C THR B 132 -4.85 -14.24 -18.63
N GLY B 133 -3.57 -14.12 -18.28
CA GLY B 133 -2.49 -14.04 -19.27
C GLY B 133 -1.15 -13.96 -18.58
N LYS B 134 -0.16 -14.72 -19.02
CA LYS B 134 1.19 -14.61 -18.47
C LYS B 134 1.65 -13.14 -18.40
N VAL B 135 2.26 -12.71 -17.31
CA VAL B 135 2.86 -11.36 -17.21
C VAL B 135 4.38 -11.61 -17.23
N ILE B 136 5.10 -10.89 -18.11
CA ILE B 136 6.54 -11.07 -18.22
C ILE B 136 7.22 -9.73 -18.01
N LEU B 137 8.17 -9.67 -17.09
CA LEU B 137 9.04 -8.52 -17.02
C LEU B 137 10.44 -8.93 -17.53
N LYS B 138 10.89 -8.33 -18.64
CA LYS B 138 12.16 -8.73 -19.24
C LYS B 138 13.36 -8.16 -18.50
N LYS B 139 14.56 -8.45 -18.98
CA LYS B 139 15.77 -8.08 -18.27
C LYS B 139 15.77 -6.57 -18.10
N HIS B 140 16.30 -6.14 -16.96
CA HIS B 140 16.53 -4.75 -16.66
C HIS B 140 15.25 -3.90 -16.47
N VAL B 141 14.09 -4.52 -16.48
CA VAL B 141 12.84 -3.79 -16.20
C VAL B 141 12.93 -3.28 -14.77
N ILE B 142 12.52 -2.03 -14.52
CA ILE B 142 12.35 -1.58 -13.16
C ILE B 142 10.91 -1.05 -13.08
N ILE B 143 10.17 -1.46 -12.06
CA ILE B 143 8.85 -0.92 -11.80
C ILE B 143 8.93 0.01 -10.61
N GLY B 144 8.38 1.22 -10.75
CA GLY B 144 8.47 2.19 -9.68
C GLY B 144 7.45 1.86 -8.60
N ALA B 145 7.57 2.54 -7.47
CA ALA B 145 6.71 2.23 -6.35
C ALA B 145 5.25 2.53 -6.58
N HIS B 146 4.41 1.69 -5.96
CA HIS B 146 2.95 1.97 -5.91
C HIS B 146 2.36 1.80 -7.31
N SER B 147 2.90 0.88 -8.12
CA SER B 147 2.41 0.75 -9.48
C SER B 147 1.59 -0.52 -9.67
N ILE B 148 0.86 -0.65 -10.77
CA ILE B 148 0.01 -1.84 -10.91
C ILE B 148 0.23 -2.32 -12.34
N ILE B 149 0.44 -3.62 -12.54
CA ILE B 149 0.58 -4.20 -13.85
C ILE B 149 -0.55 -5.23 -13.97
N PHE B 150 -1.20 -5.23 -15.11
CA PHE B 150 -2.37 -6.07 -15.35
C PHE B 150 -2.02 -7.33 -16.14
N PRO B 151 -2.96 -8.29 -16.28
CA PRO B 151 -2.67 -9.55 -16.97
C PRO B 151 -2.23 -9.48 -18.44
N ASN B 152 -1.43 -10.45 -18.87
CA ASN B 152 -1.19 -10.61 -20.30
C ASN B 152 -0.33 -9.45 -20.83
N VAL B 153 0.63 -9.01 -20.04
CA VAL B 153 1.44 -7.82 -20.27
C VAL B 153 2.89 -8.27 -20.28
N VAL B 154 3.57 -7.95 -21.38
CA VAL B 154 5.02 -8.15 -21.47
C VAL B 154 5.62 -6.75 -21.22
N ILE B 155 6.36 -6.59 -20.14
CA ILE B 155 7.12 -5.34 -19.95
C ILE B 155 8.45 -5.49 -20.66
N GLY B 156 8.64 -4.73 -21.75
CA GLY B 156 9.82 -4.93 -22.62
C GLY B 156 11.15 -4.76 -21.91
N GLU B 157 12.22 -5.28 -22.50
CA GLU B 157 13.54 -5.21 -21.92
C GLU B 157 13.93 -3.76 -21.63
N GLY B 158 14.52 -3.55 -20.46
CA GLY B 158 14.98 -2.23 -20.04
C GLY B 158 13.92 -1.17 -19.82
N VAL B 159 12.64 -1.53 -19.77
CA VAL B 159 11.57 -0.54 -19.56
C VAL B 159 11.66 -0.06 -18.11
N ALA B 160 11.52 1.24 -17.86
CA ALA B 160 11.32 1.75 -16.53
C ALA B 160 9.86 2.20 -16.50
N VAL B 161 9.10 1.83 -15.46
CA VAL B 161 7.82 2.49 -15.29
C VAL B 161 7.91 3.33 -14.03
N GLY B 162 7.37 4.55 -14.03
CA GLY B 162 7.53 5.44 -12.89
C GLY B 162 6.64 5.06 -11.72
N ALA B 163 6.85 5.74 -10.58
CA ALA B 163 5.94 5.60 -9.44
C ALA B 163 4.50 5.88 -9.81
N MET B 164 3.64 5.11 -9.17
CA MET B 164 2.19 5.38 -9.24
C MET B 164 1.70 5.21 -10.66
N SER B 165 2.22 4.17 -11.32
CA SER B 165 1.86 3.95 -12.71
C SER B 165 0.90 2.77 -12.88
N MET B 166 0.07 2.86 -13.90
CA MET B 166 -0.81 1.75 -14.24
C MET B 166 -0.59 1.25 -15.66
N VAL B 167 -0.32 -0.04 -15.82
CA VAL B 167 0.10 -0.64 -17.07
C VAL B 167 -0.93 -1.70 -17.37
N LYS B 168 -1.70 -1.45 -18.42
CA LYS B 168 -2.76 -2.36 -18.84
C LYS B 168 -2.40 -3.12 -20.13
N GLU B 169 -1.38 -2.63 -20.83
CA GLU B 169 -0.89 -3.41 -21.98
C GLU B 169 0.61 -3.44 -22.19
N SER B 170 1.09 -4.22 -23.15
CA SER B 170 2.52 -4.47 -23.22
C SER B 170 3.29 -3.18 -23.48
N LEU B 171 4.52 -3.11 -23.01
CA LEU B 171 5.34 -1.90 -23.14
C LEU B 171 6.58 -2.16 -24.02
N ASP B 172 6.82 -1.31 -25.01
CA ASP B 172 8.01 -1.42 -25.88
C ASP B 172 9.32 -1.28 -25.11
N ASP B 173 10.28 -2.16 -25.43
CA ASP B 173 11.63 -2.14 -24.90
C ASP B 173 12.31 -0.75 -24.76
N TRP B 174 13.17 -0.56 -23.76
CA TRP B 174 14.04 0.61 -23.63
C TRP B 174 13.33 1.96 -23.69
N TYR B 175 12.12 2.05 -23.12
CA TYR B 175 11.44 3.32 -22.89
C TYR B 175 11.11 3.51 -21.41
N ILE B 176 10.92 4.76 -21.03
CA ILE B 176 10.42 5.16 -19.72
C ILE B 176 8.96 5.61 -19.84
N TYR B 177 8.13 5.12 -18.91
CA TYR B 177 6.71 5.37 -18.98
C TYR B 177 6.19 5.85 -17.63
N VAL B 178 5.18 6.71 -17.65
CA VAL B 178 4.60 7.22 -16.41
C VAL B 178 3.10 7.46 -16.61
N GLY B 179 2.37 7.41 -15.50
CA GLY B 179 0.99 7.85 -15.55
C GLY B 179 0.01 6.72 -15.37
N VAL B 180 -1.27 7.10 -15.37
CA VAL B 180 -2.34 6.16 -15.16
C VAL B 180 -3.37 6.46 -16.23
N PRO B 181 -3.43 5.60 -17.26
CA PRO B 181 -2.52 4.49 -17.59
C PRO B 181 -1.24 5.14 -18.14
N VAL B 182 -0.16 4.38 -18.24
CA VAL B 182 1.10 4.98 -18.57
C VAL B 182 1.14 5.48 -20.02
N ARG B 183 1.99 6.47 -20.20
CA ARG B 183 2.33 6.91 -21.54
C ARG B 183 3.85 6.93 -21.67
N LYS B 184 4.35 6.84 -22.89
CA LYS B 184 5.79 6.73 -23.17
C LYS B 184 6.33 8.16 -23.06
N ILE B 185 7.29 8.44 -22.18
CA ILE B 185 7.84 9.79 -22.13
C ILE B 185 9.26 9.98 -22.70
N LYS B 186 10.15 9.00 -22.52
CA LYS B 186 11.51 9.16 -23.05
C LYS B 186 12.17 7.78 -23.26
N ALA B 187 13.31 7.76 -23.94
CA ALA B 187 14.10 6.54 -24.02
C ALA B 187 14.74 6.21 -22.68
N ARG B 188 14.91 4.92 -22.46
CA ARG B 188 15.74 4.43 -21.37
C ARG B 188 17.10 4.27 -22.04
N LYS B 189 18.13 4.72 -21.34
CA LYS B 189 19.52 4.50 -21.73
C LYS B 189 19.98 3.06 -21.60
N ARG B 190 20.89 2.63 -22.49
CA ARG B 190 21.37 1.27 -22.48
C ARG B 190 22.70 1.03 -21.77
N LYS B 191 23.28 2.08 -21.19
CA LYS B 191 24.50 1.92 -20.43
C LYS B 191 24.46 0.74 -19.45
N ILE B 192 23.31 0.57 -18.81
CA ILE B 192 23.03 -0.54 -17.92
C ILE B 192 23.45 -1.88 -18.54
N VAL B 193 23.31 -2.08 -19.85
CA VAL B 193 23.71 -3.36 -20.41
C VAL B 193 25.24 -3.48 -20.35
N GLU B 194 25.95 -2.37 -20.59
CA GLU B 194 27.40 -2.45 -20.46
C GLU B 194 27.82 -2.75 -19.03
N LEU B 195 27.18 -2.09 -18.05
CA LEU B 195 27.47 -2.41 -16.65
C LEU B 195 27.09 -3.85 -16.29
N GLU B 196 26.01 -4.40 -16.85
CA GLU B 196 25.72 -5.80 -16.60
C GLU B 196 26.96 -6.61 -16.96
N ASN B 197 27.48 -6.43 -18.17
CA ASN B 197 28.49 -7.33 -18.72
C ASN B 197 29.77 -7.16 -17.90
N GLU B 198 30.07 -5.91 -17.53
CA GLU B 198 31.14 -5.57 -16.60
C GLU B 198 31.02 -6.34 -15.28
N PHE B 199 29.91 -6.15 -14.56
CA PHE B 199 29.59 -6.88 -13.32
C PHE B 199 29.80 -8.39 -13.38
N LEU B 200 29.19 -9.00 -14.38
CA LEU B 200 29.34 -10.43 -14.61
C LEU B 200 30.81 -10.82 -14.88
N LYS B 201 31.49 -10.11 -15.78
CA LYS B 201 32.89 -10.39 -16.16
C LYS B 201 33.75 -10.43 -14.91
N SER B 202 33.56 -9.51 -13.97
CA SER B 202 34.35 -9.55 -12.74
C SER B 202 33.96 -10.67 -11.79
N MET B 203 32.94 -11.45 -12.14
CA MET B 203 32.72 -12.78 -11.54
C MET B 203 32.69 -13.92 -12.58
N MET C 18 -8.39 -3.76 22.60
CA MET C 18 -7.72 -4.45 21.45
C MET C 18 -6.90 -3.39 20.72
N ASN C 19 -5.59 -3.57 20.86
CA ASN C 19 -4.65 -2.76 20.13
C ASN C 19 -3.39 -3.59 20.04
N SER C 20 -2.44 -3.19 19.22
CA SER C 20 -1.33 -4.10 18.98
C SER C 20 0.00 -3.50 19.43
N PHE C 21 -0.04 -2.50 20.31
CA PHE C 21 1.18 -1.81 20.71
C PHE C 21 2.00 -2.58 21.76
N TYR C 22 3.31 -2.41 21.72
CA TYR C 22 4.22 -2.84 22.76
C TYR C 22 3.85 -2.12 24.05
N SER C 23 4.10 -2.75 25.21
CA SER C 23 4.21 -2.04 26.50
C SER C 23 5.45 -1.14 26.55
N GLN C 24 5.45 -0.15 27.44
CA GLN C 24 6.61 0.72 27.64
C GLN C 24 7.87 -0.08 27.97
N GLU C 25 7.68 -1.27 28.54
CA GLU C 25 8.74 -2.18 28.93
C GLU C 25 9.41 -2.86 27.75
N GLU C 26 8.59 -3.41 26.85
CA GLU C 26 9.12 -4.04 25.65
C GLU C 26 9.81 -2.97 24.80
N LEU C 27 9.31 -1.74 24.88
CA LEU C 27 9.92 -0.68 24.10
C LEU C 27 11.42 -0.60 24.42
N LYS C 28 11.76 -0.57 25.71
CA LYS C 28 13.17 -0.48 26.09
C LYS C 28 14.01 -1.64 25.57
N LYS C 29 13.41 -2.83 25.42
CA LYS C 29 14.03 -3.99 24.78
C LYS C 29 14.33 -3.86 23.28
N ILE C 30 13.96 -2.75 22.66
CA ILE C 30 14.16 -2.62 21.22
C ILE C 30 15.53 -2.01 20.92
N GLY C 31 15.96 -1.06 21.73
CA GLY C 31 17.31 -0.53 21.60
C GLY C 31 17.37 0.66 20.66
N PHE C 32 16.39 1.55 20.78
CA PHE C 32 16.34 2.80 20.05
C PHE C 32 17.49 3.69 20.49
N LEU C 33 18.03 4.51 19.59
CA LEU C 33 18.93 5.54 20.05
C LEU C 33 18.28 6.32 21.20
N SER C 34 16.95 6.40 21.20
CA SER C 34 16.20 7.28 22.11
C SER C 34 14.69 7.13 21.88
N VAL C 35 13.91 6.97 22.96
CA VAL C 35 12.45 6.82 22.88
C VAL C 35 11.81 7.62 24.01
N GLY C 36 10.96 8.61 23.72
CA GLY C 36 10.30 9.36 24.78
C GLY C 36 9.22 8.58 25.50
N LYS C 37 8.30 9.31 26.13
CA LYS C 37 7.17 8.73 26.87
C LYS C 37 5.89 8.73 26.03
N ASN C 38 4.97 7.81 26.32
CA ASN C 38 3.67 7.74 25.65
C ASN C 38 3.86 7.49 24.17
N VAL C 39 4.60 6.43 23.86
CA VAL C 39 5.07 6.07 22.53
C VAL C 39 4.40 4.74 22.26
N LEU C 40 3.56 4.71 21.24
CA LEU C 40 2.73 3.54 20.99
C LEU C 40 3.22 2.96 19.68
N ILE C 41 3.90 1.81 19.69
CA ILE C 41 4.47 1.32 18.45
C ILE C 41 3.87 -0.06 18.29
N SER C 42 3.30 -0.35 17.13
CA SER C 42 2.73 -1.65 16.83
C SER C 42 3.76 -2.77 16.74
N LYS C 43 3.47 -3.90 17.39
CA LYS C 43 4.26 -5.09 17.30
C LYS C 43 4.24 -5.59 15.86
N LYS C 44 3.33 -5.04 15.07
CA LYS C 44 3.19 -5.48 13.68
C LYS C 44 3.96 -4.58 12.73
N ALA C 45 4.68 -3.61 13.26
CA ALA C 45 5.57 -2.75 12.49
C ALA C 45 6.96 -3.38 12.45
N SER C 46 7.80 -2.98 11.50
CA SER C 46 9.13 -3.56 11.40
C SER C 46 10.07 -2.42 11.70
N ILE C 47 11.03 -2.64 12.61
CA ILE C 47 12.01 -1.60 12.92
C ILE C 47 13.45 -2.11 12.73
N TYR C 48 14.17 -1.55 11.76
CA TYR C 48 15.48 -2.09 11.38
C TYR C 48 16.48 -1.02 11.77
N ASN C 49 17.54 -1.46 12.47
CA ASN C 49 18.57 -0.59 12.99
C ASN C 49 18.04 0.43 13.99
N PRO C 50 17.39 -0.05 15.05
CA PRO C 50 16.82 0.85 16.04
C PRO C 50 17.90 1.77 16.60
N GLY C 51 19.15 1.31 16.58
CA GLY C 51 20.29 2.08 17.09
C GLY C 51 20.41 3.49 16.54
N VAL C 52 19.91 3.70 15.33
CA VAL C 52 19.95 5.03 14.73
C VAL C 52 18.59 5.71 14.67
N ILE C 53 17.59 5.11 15.32
CA ILE C 53 16.26 5.71 15.36
C ILE C 53 15.95 6.42 16.67
N SER C 54 15.65 7.71 16.61
CA SER C 54 15.08 8.30 17.81
C SER C 54 13.65 8.84 17.71
N ILE C 55 12.89 8.65 18.79
CA ILE C 55 11.48 9.03 18.80
C ILE C 55 11.24 9.87 20.05
N GLY C 56 10.59 11.03 19.95
CA GLY C 56 10.24 11.85 21.12
C GLY C 56 9.01 11.37 21.86
N ASN C 57 8.20 12.30 22.38
CA ASN C 57 7.04 11.89 23.16
C ASN C 57 5.73 11.95 22.37
N ASN C 58 4.79 11.09 22.75
CA ASN C 58 3.43 11.11 22.22
C ASN C 58 3.44 10.88 20.73
N VAL C 59 3.88 9.68 20.36
CA VAL C 59 4.07 9.31 18.99
C VAL C 59 3.37 7.97 18.87
N ARG C 60 2.68 7.75 17.74
CA ARG C 60 2.04 6.48 17.47
C ARG C 60 2.50 5.95 16.09
N ILE C 61 2.95 4.71 16.03
CA ILE C 61 3.38 4.10 14.78
C ILE C 61 2.57 2.82 14.63
N ASP C 62 1.81 2.72 13.55
CA ASP C 62 0.79 1.67 13.36
C ASP C 62 1.21 0.39 12.64
N ASP C 63 0.31 -0.59 12.54
CA ASP C 63 0.61 -1.89 11.95
C ASP C 63 1.25 -1.75 10.57
N PHE C 64 2.21 -2.61 10.27
CA PHE C 64 2.82 -2.82 8.96
C PHE C 64 3.62 -1.62 8.49
N CYS C 65 3.83 -0.66 9.37
CA CYS C 65 4.88 0.36 9.16
C CYS C 65 6.26 -0.27 9.05
N ILE C 66 7.20 0.37 8.34
CA ILE C 66 8.59 -0.09 8.35
C ILE C 66 9.34 1.19 8.63
N LEU C 67 10.25 1.12 9.58
CA LEU C 67 11.20 2.19 9.82
C LEU C 67 12.55 1.49 9.65
N SER C 68 13.34 1.96 8.70
CA SER C 68 14.60 1.33 8.38
C SER C 68 15.71 2.41 8.36
N GLY C 69 16.83 2.16 9.03
CA GLY C 69 17.97 3.09 8.92
C GLY C 69 17.68 4.31 9.76
N LYS C 70 18.18 5.48 9.34
CA LYS C 70 18.18 6.69 10.17
C LYS C 70 16.91 7.54 10.10
N VAL C 71 16.19 7.55 11.23
CA VAL C 71 14.84 8.12 11.26
C VAL C 71 14.78 8.86 12.58
N THR C 72 14.32 10.10 12.53
CA THR C 72 14.18 10.89 13.75
C THR C 72 12.79 11.49 13.79
N ILE C 73 12.06 11.13 14.84
CA ILE C 73 10.70 11.64 15.04
C ILE C 73 10.64 12.48 16.31
N GLY C 74 10.04 13.67 16.20
CA GLY C 74 9.79 14.55 17.35
C GLY C 74 8.63 14.08 18.18
N SER C 75 7.83 15.04 18.64
CA SER C 75 6.65 14.74 19.46
C SER C 75 5.31 15.10 18.86
N TYR C 76 4.28 14.40 19.32
CA TYR C 76 2.91 14.61 18.84
C TYR C 76 2.82 14.27 17.34
N SER C 77 3.21 13.06 17.00
CA SER C 77 3.23 12.60 15.60
C SER C 77 2.68 11.17 15.50
N HIS C 78 1.80 11.03 14.51
CA HIS C 78 1.27 9.73 14.13
C HIS C 78 1.90 9.33 12.79
N ILE C 79 2.44 8.12 12.71
CA ILE C 79 2.87 7.55 11.45
C ILE C 79 1.87 6.40 11.25
N ALA C 80 0.92 6.61 10.34
CA ALA C 80 -0.11 5.62 10.10
C ALA C 80 0.23 4.32 9.39
N ALA C 81 -0.70 3.39 9.52
CA ALA C 81 -0.51 2.03 9.02
C ALA C 81 0.15 1.96 7.64
N TYR C 82 0.95 0.92 7.42
CA TYR C 82 1.66 0.64 6.16
C TYR C 82 2.73 1.65 5.76
N THR C 83 2.97 2.70 6.54
CA THR C 83 3.88 3.75 6.08
C THR C 83 5.31 3.22 6.15
N ALA C 84 6.11 3.46 5.10
CA ALA C 84 7.52 3.03 5.09
C ALA C 84 8.44 4.25 5.16
N LEU C 85 9.35 4.32 6.14
CA LEU C 85 10.38 5.37 6.20
C LEU C 85 11.76 4.74 5.97
N TYR C 86 12.33 4.94 4.78
CA TYR C 86 13.61 4.30 4.50
C TYR C 86 14.65 5.40 4.70
N GLY C 87 15.19 5.50 5.91
CA GLY C 87 16.06 6.63 6.26
C GLY C 87 17.49 6.45 5.74
N GLY C 88 17.83 5.23 5.35
CA GLY C 88 19.18 4.88 4.92
C GLY C 88 20.23 5.35 5.93
N GLU C 89 21.28 6.02 5.41
CA GLU C 89 22.31 6.65 6.22
C GLU C 89 22.10 8.15 6.43
N VAL C 90 21.66 8.89 5.42
CA VAL C 90 21.52 10.35 5.56
C VAL C 90 20.33 10.80 6.42
N GLY C 91 19.30 9.95 6.46
CA GLY C 91 18.20 10.13 7.40
C GLY C 91 16.93 10.84 6.94
N ILE C 92 15.88 10.55 7.71
CA ILE C 92 14.60 11.25 7.56
C ILE C 92 14.37 11.88 8.92
N GLU C 93 13.98 13.14 8.92
CA GLU C 93 13.62 13.81 10.16
C GLU C 93 12.23 14.39 10.09
N MET C 94 11.44 14.19 11.13
CA MET C 94 10.16 14.88 11.25
C MET C 94 10.18 15.70 12.52
N TYR C 95 9.76 16.96 12.44
CA TYR C 95 9.62 17.82 13.61
C TYR C 95 8.28 17.63 14.32
N ASP C 96 8.02 18.43 15.35
CA ASP C 96 6.87 18.20 16.21
C ASP C 96 5.58 18.50 15.48
N PHE C 97 4.51 17.78 15.83
CA PHE C 97 3.20 18.00 15.22
C PHE C 97 3.14 17.63 13.72
N ALA C 98 4.18 16.99 13.22
CA ALA C 98 4.15 16.39 11.88
C ALA C 98 3.44 15.03 11.88
N ASN C 99 2.67 14.68 10.85
CA ASN C 99 1.95 13.40 10.83
C ASN C 99 1.97 12.83 9.43
N ILE C 100 1.95 11.51 9.31
CA ILE C 100 2.01 10.93 7.98
C ILE C 100 0.83 9.98 7.94
N SER C 101 0.03 10.08 6.87
CA SER C 101 -1.13 9.20 6.75
C SER C 101 -0.77 7.85 6.15
N SER C 102 -1.73 6.93 6.02
CA SER C 102 -1.45 5.52 5.84
C SER C 102 -0.81 5.32 4.48
N ARG C 103 0.09 4.34 4.38
CA ARG C 103 0.57 3.82 3.09
C ARG C 103 1.41 4.90 2.37
N THR C 104 2.09 5.76 3.13
CA THR C 104 3.05 6.71 2.56
C THR C 104 4.44 6.08 2.50
N ILE C 105 5.24 6.47 1.53
CA ILE C 105 6.68 6.07 1.52
C ILE C 105 7.52 7.36 1.56
N VAL C 106 8.54 7.36 2.42
CA VAL C 106 9.53 8.44 2.40
C VAL C 106 10.86 7.79 2.06
N TYR C 107 11.49 8.22 0.97
CA TYR C 107 12.83 7.74 0.68
C TYR C 107 13.93 8.76 0.89
N ALA C 108 14.98 8.36 1.62
CA ALA C 108 16.20 9.16 1.70
C ALA C 108 17.25 8.79 0.66
N ALA C 109 16.99 7.71 -0.08
CA ALA C 109 17.88 7.21 -1.14
C ALA C 109 16.99 6.57 -2.20
N ILE C 110 17.27 6.80 -3.49
CA ILE C 110 16.65 6.01 -4.56
C ILE C 110 17.68 5.77 -5.66
N ASP C 111 17.48 4.66 -6.35
CA ASP C 111 18.31 4.27 -7.49
C ASP C 111 17.98 5.15 -8.65
N ASP C 112 18.87 5.08 -9.65
CA ASP C 112 18.82 5.91 -10.84
C ASP C 112 18.00 5.09 -11.83
N PHE C 113 16.87 5.64 -12.22
CA PHE C 113 15.97 5.02 -13.15
C PHE C 113 16.36 5.33 -14.61
N SER C 114 17.35 6.20 -14.88
CA SER C 114 17.58 6.62 -16.28
C SER C 114 18.02 5.54 -17.27
N GLY C 115 18.69 4.51 -16.77
CA GLY C 115 19.34 3.50 -17.62
C GLY C 115 20.86 3.63 -17.62
N ASN C 116 21.38 4.66 -16.95
CA ASN C 116 22.82 4.81 -16.75
C ASN C 116 23.45 3.98 -15.63
N ALA C 117 22.63 3.25 -14.89
CA ALA C 117 23.18 2.47 -13.78
C ALA C 117 22.38 1.21 -13.52
N LEU C 118 23.05 0.24 -12.93
CA LEU C 118 22.36 -0.91 -12.37
C LEU C 118 21.60 -0.49 -11.10
N MET C 119 20.81 -1.40 -10.54
CA MET C 119 19.75 -0.99 -9.61
C MET C 119 19.55 -1.94 -8.44
N GLY C 120 19.42 -1.36 -7.26
CA GLY C 120 18.88 -2.04 -6.10
C GLY C 120 19.87 -2.81 -5.24
N PRO C 121 19.38 -3.34 -4.11
CA PRO C 121 20.24 -3.96 -3.09
C PRO C 121 20.94 -5.24 -3.54
N THR C 122 20.58 -5.83 -4.67
CA THR C 122 21.29 -7.04 -5.09
C THR C 122 22.62 -6.76 -5.84
N ILE C 123 22.90 -5.50 -6.15
CA ILE C 123 24.01 -5.11 -7.01
C ILE C 123 25.03 -4.30 -6.21
N PRO C 124 26.34 -4.51 -6.44
CA PRO C 124 27.32 -3.73 -5.67
C PRO C 124 27.21 -2.25 -6.02
N ASN C 125 27.71 -1.39 -5.14
CA ASN C 125 27.56 0.04 -5.30
C ASN C 125 28.30 0.71 -6.45
N GLN C 126 29.43 0.13 -6.82
CA GLN C 126 30.22 0.62 -7.96
C GLN C 126 29.34 0.76 -9.20
N TYR C 127 28.42 -0.20 -9.38
CA TYR C 127 27.62 -0.27 -10.60
C TYR C 127 26.31 0.54 -10.59
N LYS C 128 26.02 1.18 -9.46
CA LYS C 128 24.78 1.90 -9.22
C LYS C 128 25.04 3.41 -9.20
N ASN C 129 23.98 4.19 -9.04
CA ASN C 129 24.14 5.63 -8.96
C ASN C 129 22.98 6.05 -8.07
N VAL C 130 23.04 5.56 -6.84
CA VAL C 130 22.06 5.89 -5.81
C VAL C 130 22.09 7.38 -5.51
N LYS C 131 20.93 8.04 -5.59
CA LYS C 131 20.80 9.45 -5.18
C LYS C 131 20.33 9.48 -3.74
N THR C 132 21.02 10.28 -2.94
CA THR C 132 20.83 10.27 -1.50
CA THR C 132 20.92 10.27 -1.49
C THR C 132 20.68 11.71 -1.01
N GLY C 133 19.91 11.92 0.05
CA GLY C 133 19.66 13.26 0.57
C GLY C 133 18.66 13.29 1.73
N LYS C 134 18.99 14.02 2.78
CA LYS C 134 18.20 14.02 4.02
C LYS C 134 16.80 14.46 3.63
N VAL C 135 15.76 13.85 4.22
CA VAL C 135 14.40 14.31 4.01
C VAL C 135 13.93 14.92 5.31
N ILE C 136 13.38 16.13 5.24
CA ILE C 136 12.97 16.82 6.46
C ILE C 136 11.53 17.23 6.35
N LEU C 137 10.71 16.85 7.34
CA LEU C 137 9.35 17.34 7.48
C LEU C 137 9.23 18.30 8.67
N LYS C 138 8.97 19.58 8.38
CA LYS C 138 9.00 20.58 9.42
C LYS C 138 7.76 20.50 10.31
N LYS C 139 7.61 21.44 11.24
CA LYS C 139 6.50 21.37 12.17
C LYS C 139 5.19 21.47 11.40
N HIS C 140 4.20 20.71 11.86
CA HIS C 140 2.84 20.83 11.35
C HIS C 140 2.65 20.34 9.92
N VAL C 141 3.63 19.60 9.40
CA VAL C 141 3.46 19.03 8.06
C VAL C 141 2.43 17.90 8.13
N ILE C 142 1.56 17.78 7.14
CA ILE C 142 0.74 16.57 7.11
C ILE C 142 0.93 16.03 5.71
N ILE C 143 1.18 14.72 5.58
CA ILE C 143 1.27 14.03 4.29
C ILE C 143 0.08 13.10 4.20
N GLY C 144 -0.71 13.26 3.13
CA GLY C 144 -1.94 12.51 2.89
C GLY C 144 -1.58 11.09 2.52
N ALA C 145 -2.57 10.20 2.52
CA ALA C 145 -2.34 8.78 2.39
C ALA C 145 -1.89 8.45 0.98
N HIS C 146 -1.11 7.38 0.86
CA HIS C 146 -0.75 6.81 -0.44
C HIS C 146 0.17 7.82 -1.14
N SER C 147 0.97 8.54 -0.36
CA SER C 147 1.89 9.50 -0.97
C SER C 147 3.34 9.02 -0.96
N ILE C 148 4.18 9.64 -1.79
CA ILE C 148 5.61 9.23 -1.88
C ILE C 148 6.46 10.51 -1.86
N ILE C 149 7.44 10.57 -0.95
CA ILE C 149 8.36 11.68 -0.90
C ILE C 149 9.74 11.16 -1.25
N PHE C 150 10.41 11.85 -2.18
CA PHE C 150 11.72 11.36 -2.60
CA PHE C 150 11.74 11.45 -2.70
C PHE C 150 12.89 12.08 -1.91
N PRO C 151 14.13 11.66 -2.15
CA PRO C 151 15.21 12.20 -1.32
C PRO C 151 15.53 13.68 -1.51
N ASN C 152 16.18 14.27 -0.52
CA ASN C 152 16.72 15.63 -0.65
C ASN C 152 15.62 16.68 -0.67
N VAL C 153 14.57 16.45 0.12
CA VAL C 153 13.40 17.28 0.00
C VAL C 153 13.17 17.91 1.37
N VAL C 154 12.94 19.21 1.42
CA VAL C 154 12.47 19.80 2.67
C VAL C 154 11.00 20.16 2.50
N ILE C 155 10.16 19.56 3.35
CA ILE C 155 8.75 19.95 3.34
C ILE C 155 8.63 21.06 4.34
N GLY C 156 8.37 22.26 3.87
CA GLY C 156 8.31 23.41 4.77
C GLY C 156 7.24 23.31 5.85
N GLU C 157 7.45 24.09 6.90
CA GLU C 157 6.50 24.18 7.99
C GLU C 157 5.06 24.43 7.51
N GLY C 158 4.13 23.73 8.15
CA GLY C 158 2.71 23.77 7.79
C GLY C 158 2.27 23.29 6.42
N VAL C 159 3.15 22.65 5.67
CA VAL C 159 2.76 22.10 4.38
C VAL C 159 1.79 20.93 4.55
N ALA C 160 0.76 20.89 3.71
CA ALA C 160 -0.09 19.69 3.58
C ALA C 160 0.16 19.17 2.18
N VAL C 161 0.38 17.86 2.08
CA VAL C 161 0.45 17.20 0.76
C VAL C 161 -0.80 16.32 0.70
N GLY C 162 -1.56 16.47 -0.36
CA GLY C 162 -2.78 15.67 -0.56
C GLY C 162 -2.53 14.17 -0.63
N ALA C 163 -3.62 13.41 -0.63
CA ALA C 163 -3.47 11.97 -0.86
C ALA C 163 -2.92 11.75 -2.27
N MET C 164 -2.31 10.58 -2.45
CA MET C 164 -1.90 10.08 -3.76
C MET C 164 -1.04 11.05 -4.55
N SER C 165 -0.14 11.73 -3.84
CA SER C 165 0.71 12.75 -4.40
CA SER C 165 0.72 12.71 -4.44
C SER C 165 2.18 12.30 -4.31
N MET C 166 3.03 12.90 -5.16
CA MET C 166 4.42 12.48 -5.25
C MET C 166 5.25 13.77 -5.20
N VAL C 167 6.21 13.85 -4.28
CA VAL C 167 7.02 15.06 -4.03
C VAL C 167 8.48 14.74 -4.35
N LYS C 168 9.01 15.37 -5.40
CA LYS C 168 10.43 15.21 -5.73
C LYS C 168 11.27 16.46 -5.38
N GLU C 169 10.66 17.59 -5.01
CA GLU C 169 11.36 18.87 -4.76
C GLU C 169 10.90 19.43 -3.43
N SER C 170 11.69 20.30 -2.79
CA SER C 170 11.30 20.99 -1.57
C SER C 170 10.02 21.81 -1.71
N LEU C 171 9.26 21.95 -0.62
CA LEU C 171 7.93 22.55 -0.69
C LEU C 171 7.91 23.80 0.18
N ASP C 172 7.37 24.88 -0.35
CA ASP C 172 7.19 26.18 0.33
C ASP C 172 6.31 26.07 1.57
N ASP C 173 6.75 26.65 2.69
CA ASP C 173 5.99 26.64 3.96
C ASP C 173 4.52 26.99 3.77
N TRP C 174 3.63 26.38 4.55
CA TRP C 174 2.25 26.87 4.66
C TRP C 174 1.46 26.88 3.37
N TYR C 175 1.80 25.94 2.46
CA TYR C 175 0.93 25.74 1.31
C TYR C 175 0.42 24.30 1.19
N ILE C 176 -0.62 24.16 0.39
CA ILE C 176 -1.21 22.86 0.15
C ILE C 176 -0.86 22.47 -1.27
N TYR C 177 -0.37 21.24 -1.44
CA TYR C 177 0.16 20.80 -2.73
C TYR C 177 -0.51 19.48 -3.12
N VAL C 178 -0.83 19.24 -4.39
CA VAL C 178 -1.50 17.97 -4.75
C VAL C 178 -0.97 17.46 -6.08
N GLY C 179 -1.05 16.15 -6.32
CA GLY C 179 -0.83 15.69 -7.68
C GLY C 179 0.45 14.93 -7.87
N VAL C 180 0.68 14.46 -9.08
CA VAL C 180 1.85 13.63 -9.33
C VAL C 180 2.60 14.16 -10.56
N PRO C 181 3.68 14.90 -10.36
CA PRO C 181 4.31 15.43 -9.17
C PRO C 181 3.45 16.58 -8.63
N VAL C 182 3.68 17.00 -7.38
CA VAL C 182 2.73 17.95 -6.77
C VAL C 182 2.84 19.37 -7.33
N ARG C 183 1.71 20.07 -7.36
CA ARG C 183 1.64 21.47 -7.74
C ARG C 183 1.00 22.16 -6.56
N LYS C 184 1.35 23.42 -6.35
CA LYS C 184 0.79 24.24 -5.29
C LYS C 184 -0.65 24.55 -5.66
N ILE C 185 -1.62 24.37 -4.77
CA ILE C 185 -3.00 24.77 -5.10
C ILE C 185 -3.60 25.88 -4.22
N LYS C 186 -3.20 26.01 -2.97
CA LYS C 186 -3.78 27.08 -2.13
C LYS C 186 -2.90 27.22 -0.87
N ALA C 187 -3.01 28.33 -0.14
CA ALA C 187 -2.34 28.44 1.15
C ALA C 187 -3.01 27.53 2.16
N ARG C 188 -2.18 27.02 3.07
CA ARG C 188 -2.63 26.41 4.31
C ARG C 188 -3.04 27.51 5.30
N LYS C 189 -4.14 27.34 6.05
CA LYS C 189 -4.47 28.28 7.13
C LYS C 189 -3.50 28.09 8.28
N ARG C 190 -3.36 29.09 9.15
CA ARG C 190 -2.34 29.04 10.18
C ARG C 190 -2.93 29.06 11.59
N LYS C 191 -4.25 28.92 11.64
CA LYS C 191 -4.99 28.80 12.88
C LYS C 191 -4.32 27.76 13.77
N ILE C 192 -3.73 26.78 13.12
CA ILE C 192 -2.91 25.75 13.76
C ILE C 192 -1.88 26.29 14.75
N VAL C 193 -1.31 27.47 14.45
CA VAL C 193 -0.22 28.05 15.25
C VAL C 193 -0.75 28.45 16.63
N GLU C 194 -1.86 29.19 16.70
CA GLU C 194 -2.60 29.40 17.96
C GLU C 194 -2.98 28.12 18.68
N LEU C 195 -3.65 27.21 17.97
CA LEU C 195 -4.13 25.99 18.61
C LEU C 195 -2.99 25.27 19.32
N GLU C 196 -1.80 25.31 18.72
CA GLU C 196 -0.63 24.68 19.30
C GLU C 196 -0.26 25.34 20.63
N ASN C 197 -0.21 26.67 20.61
CA ASN C 197 0.03 27.48 21.81
C ASN C 197 -1.01 27.15 22.86
N GLU C 198 -2.28 27.22 22.49
CA GLU C 198 -3.39 26.95 23.41
C GLU C 198 -3.33 25.56 24.06
N PHE C 199 -3.08 24.54 23.25
CA PHE C 199 -2.89 23.16 23.70
C PHE C 199 -1.66 22.97 24.59
N LEU C 200 -0.56 23.61 24.20
CA LEU C 200 0.65 23.45 25.00
C LEU C 200 0.44 24.05 26.39
N LYS C 201 -0.26 25.18 26.49
CA LYS C 201 -0.65 25.70 27.81
C LYS C 201 -1.32 24.69 28.75
N SER C 202 -2.44 24.10 28.34
CA SER C 202 -2.92 22.89 28.98
C SER C 202 -1.83 21.94 29.47
N MET C 203 -0.79 21.70 28.68
CA MET C 203 0.41 21.01 29.18
C MET C 203 1.30 21.97 29.97
N1A COA D . -4.60 14.80 -5.86
C2A COA D . -4.69 15.52 -6.98
N3A COA D . -5.51 16.59 -7.08
C4A COA D . -6.26 16.95 -6.01
C5A COA D . -6.23 16.22 -4.84
C6A COA D . -5.32 15.16 -4.76
N6A COA D . -5.23 14.45 -3.62
N7A COA D . -7.08 16.80 -3.95
C8A COA D . -7.63 17.85 -4.59
N9A COA D . -7.14 17.93 -5.85
C1B COA D . -7.45 18.96 -6.88
C2B COA D . -8.92 19.09 -7.20
O2B COA D . -9.26 18.19 -8.26
C3B COA D . -9.05 20.57 -7.48
O3B COA D . -8.53 20.84 -8.80
P3B COA D . -8.92 22.06 -9.81
O7A COA D . -8.03 21.75 -10.99
O8A COA D . -8.50 23.28 -9.03
O9A COA D . -10.37 21.75 -10.01
C4B COA D . -8.13 21.22 -6.45
O4B COA D . -7.18 20.18 -6.19
C5B COA D . -8.81 21.61 -5.13
O5B COA D . -9.59 20.49 -4.70
P1A COA D . -10.58 20.52 -3.43
O1A COA D . -11.17 19.19 -3.03
O2A COA D . -11.50 21.65 -3.73
O3A COA D . -9.59 21.01 -2.27
P2A COA D . -9.72 20.75 -0.70
O4A COA D . -8.89 21.79 0.02
O5A COA D . -11.12 20.52 -0.21
O6A COA D . -8.97 19.35 -0.49
CBP COA D . -6.89 18.06 -0.08
CCP COA D . -7.60 19.16 -0.87
CDP COA D . -5.44 18.04 -0.61
CEP COA D . -6.89 18.44 1.39
CAP COA D . -7.71 16.77 -0.24
OAP COA D . -8.29 16.52 -1.53
C9P COA D . -6.88 15.58 0.16
O9P COA D . -6.15 15.02 -0.64
N8P COA D . -6.95 15.18 1.42
C7P COA D . -6.11 14.03 1.82
C6P COA D . -6.86 13.34 2.95
C5P COA D . -6.03 12.24 3.57
O5P COA D . -5.15 11.64 2.94
N4P COA D . -6.39 11.94 4.82
C3P COA D . -5.74 10.91 5.62
C2P COA D . -6.62 10.42 6.77
S1P COA D . -6.70 11.63 8.13
O4P 0FX E . -7.78 -15.50 -7.70
P2 0FX E . -7.48 -15.24 -6.23
O3P 0FX E . -8.17 -16.04 -5.15
O1G 0FX E . -7.74 -13.68 -5.85
C1G 0FX E . -7.10 -12.59 -6.54
C2G 0FX E . -7.09 -11.18 -5.95
O2G 0FX E . -6.77 -11.11 -4.55
C3G 0FX E . -8.47 -10.59 -6.26
O3G 0FX E . -8.66 -9.25 -5.82
C4G 0FX E . -8.69 -10.58 -7.78
N4A 0FX E . -9.98 -9.98 -8.07
C5G 0FX E . -8.49 -11.98 -8.39
C6G 0FX E . -8.72 -12.05 -9.91
O5G 0FX E . -7.23 -12.52 -7.96
OPP 0FX E . -5.92 -15.55 -6.02
P 0FX E . -5.12 -15.19 -4.66
O1P 0FX E . -5.58 -13.87 -4.07
O2P 0FX E . -3.68 -15.33 -5.11
O5 0FX E . -5.37 -16.38 -3.58
C5 0FX E . -5.11 -17.74 -3.87
C4 0FX E . -4.97 -18.51 -2.55
O4 0FX E . -3.90 -18.01 -1.75
C3 0FX E . -6.19 -18.39 -1.64
O3 0FX E . -7.23 -19.31 -1.96
C2 0FX E . -5.59 -18.58 -0.25
C1 0FX E . -4.20 -17.99 -0.35
N11 0FX E . -4.19 -16.62 0.18
C61 0FX E . -4.05 -15.55 -0.64
C51 0FX E . -4.05 -14.22 -0.16
C5A 0FX E . -3.88 -13.04 -1.09
C21 0FX E . -4.32 -16.41 1.50
O21 0FX E . -4.46 -17.39 2.28
N31 0FX E . -4.34 -15.15 2.01
C41 0FX E . -4.20 -14.05 1.22
O41 0FX E . -4.18 -12.92 1.73
C BCT F . -11.83 -8.80 -5.82
O1 BCT F . -11.40 -7.92 -5.03
O2 BCT F . -11.32 -9.94 -5.91
O3 BCT F . -12.87 -8.58 -6.60
N1A COA G . -7.57 6.07 -13.39
C2A COA G . -7.61 7.16 -14.17
N3A COA G . -7.94 7.07 -15.47
C4A COA G . -8.34 5.88 -15.98
C5A COA G . -8.33 4.72 -15.20
C6A COA G . -7.89 4.84 -13.88
N6A COA G . -7.88 3.74 -13.07
N7A COA G . -8.75 3.68 -15.97
C8A COA G . -9.02 4.18 -17.20
N9A COA G . -8.74 5.51 -17.20
C1B COA G . -9.01 6.47 -18.29
C2B COA G . -8.45 6.16 -19.67
O2B COA G . -7.25 6.93 -19.70
C3B COA G . -9.50 6.73 -20.62
O3B COA G . -9.45 8.15 -20.64
P3B COA G . -9.82 9.01 -21.94
O7A COA G . -9.71 10.40 -21.39
O8A COA G . -11.18 8.58 -22.40
O9A COA G . -8.72 8.50 -22.85
C4B COA G . -10.78 6.42 -19.87
O4B COA G . -10.43 6.36 -18.47
C5B COA G . -11.27 5.06 -20.37
O5B COA G . -10.18 4.13 -20.27
P1A COA G . -10.35 2.62 -20.76
O1A COA G . -9.10 1.86 -20.36
O2A COA G . -10.75 2.72 -22.22
O3A COA G . -11.65 2.05 -19.98
P2A COA G . -11.92 0.51 -19.60
O4A COA G . -13.41 0.47 -19.42
O5A COA G . -11.20 -0.58 -20.38
O6A COA G . -11.23 0.42 -18.17
CBP COA G . -11.28 0.53 -15.75
CCP COA G . -11.57 1.26 -17.07
CDP COA G . -11.52 1.57 -14.68
CEP COA G . -12.22 -0.67 -15.61
CAP COA G . -9.81 0.04 -15.62
OAP COA G . -8.97 1.03 -16.23
C9P COA G . -9.43 -0.06 -14.18
O9P COA G . -9.07 0.91 -13.53
N8P COA G . -9.41 -1.29 -13.67
C7P COA G . -9.05 -1.59 -12.28
C6P COA G . -8.75 -3.09 -12.21
C5P COA G . -8.47 -3.44 -10.78
O5P COA G . -8.10 -2.59 -9.97
N4P COA G . -8.62 -4.73 -10.45
C3P COA G . -8.45 -5.26 -9.11
C2P COA G . -8.24 -6.77 -9.13
S1P COA G . -9.69 -7.72 -9.68
O4P 0FX H . 18.89 0.52 0.42
P2 0FX H . 17.97 -0.60 0.86
O3P 0FX H . 18.46 -2.03 0.80
O1G 0FX H . 16.74 -0.70 -0.20
C1G 0FX H . 15.80 0.36 -0.34
C2G 0FX H . 14.43 -0.04 -0.87
O2G 0FX H . 13.94 -1.24 -0.25
C3G 0FX H . 14.70 -0.32 -2.35
O3G 0FX H . 13.46 -0.54 -3.04
C4G 0FX H . 15.38 0.88 -3.03
N4A 0FX H . 15.65 0.62 -4.44
C5G 0FX H . 16.60 1.42 -2.29
C6G 0FX H . 17.15 2.73 -2.90
O5G 0FX H . 16.32 1.57 -0.89
OPP 0FX H . 17.36 -0.21 2.31
P 0FX H . 16.23 -1.02 3.15
O1P 0FX H . 15.16 -1.61 2.25
O2P 0FX H . 15.82 0.01 4.15
O5 0FX H . 17.01 -2.23 3.87
C5 0FX H . 17.96 -1.95 4.92
C4 0FX H . 18.14 -3.17 5.81
O4 0FX H . 16.98 -3.39 6.63
C3 0FX H . 18.28 -4.47 5.02
O3 0FX H . 19.65 -4.78 4.73
C2 0FX H . 17.67 -5.57 5.88
C1 0FX H . 16.60 -4.78 6.64
N11 0FX H . 15.28 -5.05 6.04
C61 0FX H . 14.69 -4.10 5.29
C51 0FX H . 13.45 -4.30 4.70
C5A 0FX H . 12.85 -3.18 3.89
C21 0FX H . 14.62 -6.21 6.22
O21 0FX H . 15.11 -7.13 6.92
N31 0FX H . 13.42 -6.46 5.67
C41 0FX H . 12.79 -5.52 4.92
O41 0FX H . 11.66 -5.76 4.45
C BCT I . 14.76 -1.88 -5.79
O1 BCT I . 15.43 -1.57 -6.80
O2 BCT I . 15.33 -1.78 -4.70
O3 BCT I . 13.49 -2.30 -5.84
N1A COA J . 3.82 9.76 -12.77
C2A COA J . 3.25 10.61 -13.64
N3A COA J . 3.97 11.57 -14.25
C4A COA J . 5.30 11.62 -13.99
C5A COA J . 5.93 10.75 -13.12
C6A COA J . 5.15 9.79 -12.49
N6A COA J . 5.67 8.90 -11.59
N7A COA J . 7.25 11.08 -13.10
C8A COA J . 7.42 12.14 -13.91
N9A COA J . 6.22 12.46 -14.45
C1B COA J . 5.96 13.47 -15.50
C2B COA J . 6.48 14.87 -15.22
O2B COA J . 5.40 15.62 -14.70
C3B COA J . 6.92 15.35 -16.59
O3B COA J . 5.77 15.67 -17.37
P3B COA J . 5.74 16.83 -18.51
O7A COA J . 4.33 16.69 -18.97
O8A COA J . 6.80 16.50 -19.53
O9A COA J . 6.27 17.96 -17.66
C4B COA J . 7.48 14.08 -17.23
O4B COA J . 6.80 13.00 -16.57
C5B COA J . 9.00 13.99 -17.01
O5B COA J . 9.24 14.11 -15.62
P1A COA J . 10.70 14.33 -15.03
O1A COA J . 10.76 14.47 -13.53
O2A COA J . 11.21 15.48 -15.88
O3A COA J . 11.41 12.95 -15.47
P2A COA J . 12.67 12.22 -14.79
O4A COA J . 13.24 11.31 -15.85
O5A COA J . 13.43 12.99 -13.74
O6A COA J . 11.96 11.20 -13.76
CBP COA J . 10.81 9.18 -13.22
CCP COA J . 10.86 10.40 -14.15
CDP COA J . 9.75 8.30 -13.88
CEP COA J . 12.08 8.35 -13.32
CAP COA J . 10.52 9.57 -11.76
OAP COA J . 9.58 10.65 -11.79
C9P COA J . 9.88 8.43 -10.97
O9P COA J . 8.68 8.21 -11.07
N8P COA J . 10.68 7.71 -10.18
C7P COA J . 10.26 6.56 -9.38
C6P COA J . 11.24 6.35 -8.22
C5P COA J . 10.85 5.12 -7.43
O5P COA J . 9.72 4.67 -7.50
N4P COA J . 11.80 4.55 -6.68
C3P COA J . 11.70 3.37 -5.85
C2P COA J . 12.85 3.37 -4.85
S1P COA J . 14.36 2.88 -5.71
CL CL K . 0.40 -1.35 1.33
O4P 0FX L . -9.23 7.54 14.62
P2 0FX L . -8.10 6.52 14.73
O3P 0FX L . -7.31 6.41 16.02
O1G 0FX L . -7.06 6.96 13.57
C1G 0FX L . -7.42 6.99 12.19
C2G 0FX L . -6.29 6.80 11.18
O2G 0FX L . -5.30 5.86 11.61
C3G 0FX L . -5.64 8.17 11.01
O3G 0FX L . -4.63 8.10 9.99
C4G 0FX L . -6.68 9.23 10.66
N4A 0FX L . -5.97 10.49 10.69
C5G 0FX L . -7.85 9.23 11.66
C6G 0FX L . -8.95 10.26 11.38
O5G 0FX L . -8.42 7.94 11.80
OPP 0FX L . -8.65 5.06 14.36
P 0FX L . -7.79 3.74 14.16
O1P 0FX L . -8.80 2.71 13.72
O2P 0FX L . -6.57 4.03 13.33
O5 0FX L . -7.43 3.44 15.72
C5 0FX L . -8.36 2.75 16.58
C4 0FX L . -7.76 1.82 17.62
O4 0FX L . -7.39 0.59 17.03
C3 0FX L . -6.43 2.21 18.26
O3 0FX L . -6.53 3.14 19.33
C2 0FX L . -5.76 0.90 18.67
C1 0FX L . -6.14 0.05 17.45
N11 0FX L . -5.16 0.05 16.33
C61 0FX L . -5.39 0.67 15.15
C51 0FX L . -4.43 0.60 14.13
C5A 0FX L . -4.58 1.26 12.77
C21 0FX L . -4.00 -0.64 16.52
O21 0FX L . -3.76 -1.25 17.59
N31 0FX L . -3.05 -0.70 15.57
C41 0FX L . -3.24 -0.10 14.38
O41 0FX L . -2.35 -0.20 13.51
C BCT M . -3.15 11.03 11.08
O1 BCT M . -2.27 10.46 10.40
O2 BCT M . -3.27 12.28 11.10
O3 BCT M . -4.03 10.33 11.79
#